data_8SSY
#
_entry.id   8SSY
#
_cell.length_a   58.907
_cell.length_b   83.473
_cell.length_c   95.696
_cell.angle_alpha   90.00
_cell.angle_beta   91.69
_cell.angle_gamma   90.00
#
_symmetry.space_group_name_H-M   'P 1 21 1'
#
loop_
_entity.id
_entity.type
_entity.pdbx_description
1 polymer 'Serine hydroxymethyltransferase'
2 non-polymer D-SERINE
3 non-polymer 'SULFATE ION'
4 water water
#
_entity_poly.entity_id   1
_entity_poly.type   'polypeptide(L)'
_entity_poly.pdbx_seq_one_letter_code
;STLKRDEALFELIALEEKRQREGLELIASENFVSKQVREAVGSVLTNKYAEGYPGARYYGGCEVIDRVESLAIERAKALF
GAAWANVQPHSGSQANMAVYMALMEPGDTLMGMDLAAGGHLTHGSRVNFSGKLYKVVSYGVRPDTELIDLEEVRRLALEH
RPKVIVAGASAYPRFWDFKAFREIADEVGAYLVVDMAHFAGLVAAGLHPNPLPYAHVVTSTTH(LLP)TLRGPRGGLILS
NDPELGKRIDKLIFPGIQGGPLEHVIAGKAVAFFEALQPEFKEYSRLVVENAKRLAEELARRGYRIVTGGTDNHLFLVDL
RPKGLTGKEAEERLDAVGITVNKNAIPFDPKPPRVTSGIRIGTPAITTRGFTPEEMPLVAELIDRALLEGPSEALREEVR
RLALAHPMP
;
_entity_poly.pdbx_strand_id   A,B
#
loop_
_chem_comp.id
_chem_comp.type
_chem_comp.name
_chem_comp.formula
SO4 non-polymer 'SULFATE ION' 'O4 S -2'
#
# COMPACT_ATOMS: atom_id res chain seq x y z
N LYS A 4 -3.85 26.96 -5.08
CA LYS A 4 -5.26 26.84 -5.58
C LYS A 4 -6.01 25.55 -5.14
N ARG A 5 -7.13 25.70 -4.43
CA ARG A 5 -7.75 24.54 -3.76
C ARG A 5 -8.55 23.72 -4.75
N ASP A 6 -8.44 22.39 -4.63
CA ASP A 6 -9.18 21.49 -5.52
C ASP A 6 -10.62 21.34 -5.01
N GLU A 7 -11.44 22.33 -5.37
N GLU A 7 -11.47 22.33 -5.31
CA GLU A 7 -12.80 22.43 -4.85
CA GLU A 7 -12.81 22.31 -4.70
C GLU A 7 -13.64 21.21 -5.21
C GLU A 7 -13.68 21.16 -5.19
N ALA A 8 -13.49 20.69 -6.43
CA ALA A 8 -14.33 19.58 -6.89
C ALA A 8 -14.07 18.35 -6.03
N LEU A 9 -12.80 18.09 -5.73
CA LEU A 9 -12.46 16.88 -4.94
C LEU A 9 -12.92 17.05 -3.49
N PHE A 10 -12.74 18.24 -2.92
CA PHE A 10 -13.10 18.39 -1.50
C PHE A 10 -14.63 18.45 -1.34
N GLU A 11 -15.35 18.89 -2.37
N GLU A 11 -15.37 18.88 -2.37
CA GLU A 11 -16.83 18.73 -2.37
CA GLU A 11 -16.83 18.72 -2.32
C GLU A 11 -17.24 17.26 -2.22
C GLU A 11 -17.22 17.25 -2.19
N LEU A 12 -16.53 16.36 -2.91
CA LEU A 12 -16.85 14.93 -2.82
C LEU A 12 -16.50 14.39 -1.44
N ILE A 13 -15.37 14.81 -0.87
CA ILE A 13 -15.06 14.32 0.49
C ILE A 13 -16.14 14.75 1.47
N ALA A 14 -16.64 16.00 1.39
CA ALA A 14 -17.74 16.41 2.30
C ALA A 14 -19.00 15.56 2.08
N LEU A 15 -19.30 15.18 0.83
CA LEU A 15 -20.46 14.32 0.56
C LEU A 15 -20.27 12.93 1.17
N GLU A 16 -19.06 12.39 1.09
CA GLU A 16 -18.78 11.08 1.72
C GLU A 16 -18.84 11.17 3.22
N GLU A 17 -18.35 12.27 3.82
CA GLU A 17 -18.53 12.43 5.27
C GLU A 17 -20.02 12.36 5.63
N LYS A 18 -20.84 13.08 4.86
CA LYS A 18 -22.28 13.12 5.13
C LYS A 18 -22.90 11.75 4.94
N ARG A 19 -22.48 11.03 3.91
CA ARG A 19 -23.00 9.66 3.71
C ARG A 19 -22.67 8.78 4.91
N GLN A 20 -21.42 8.82 5.39
CA GLN A 20 -21.05 7.98 6.53
C GLN A 20 -21.87 8.35 7.76
N ARG A 21 -22.07 9.65 7.99
CA ARG A 21 -22.82 10.11 9.18
C ARG A 21 -24.28 9.65 9.15
N GLU A 22 -24.90 9.61 7.97
CA GLU A 22 -26.35 9.48 7.87
C GLU A 22 -26.83 8.04 7.69
N GLY A 23 -25.92 7.05 7.66
CA GLY A 23 -26.29 5.69 7.33
C GLY A 23 -25.91 4.77 8.47
N LEU A 24 -26.40 3.53 8.41
CA LEU A 24 -26.03 2.48 9.38
C LEU A 24 -25.14 1.48 8.64
N GLU A 25 -23.86 1.45 9.03
CA GLU A 25 -22.87 0.61 8.36
C GLU A 25 -22.84 -0.74 9.10
N LEU A 26 -23.37 -1.79 8.47
CA LEU A 26 -23.34 -3.14 9.08
C LEU A 26 -22.40 -4.09 8.35
N ILE A 27 -21.56 -3.61 7.44
CA ILE A 27 -20.64 -4.54 6.78
C ILE A 27 -19.54 -4.85 7.78
N ALA A 28 -19.29 -6.15 7.97
CA ALA A 28 -18.51 -6.62 9.10
C ALA A 28 -17.03 -6.16 9.04
N SER A 29 -16.51 -5.83 7.86
CA SER A 29 -15.10 -5.45 7.75
C SER A 29 -14.88 -3.96 8.03
N GLU A 30 -15.94 -3.20 8.30
CA GLU A 30 -15.83 -1.75 8.31
C GLU A 30 -15.64 -1.26 9.76
N ASN A 31 -15.07 -0.06 9.89
CA ASN A 31 -14.96 0.57 11.20
C ASN A 31 -14.74 2.05 10.94
N PHE A 32 -14.67 2.85 12.00
CA PHE A 32 -14.45 4.30 11.85
C PHE A 32 -13.27 4.64 12.72
N VAL A 33 -12.23 5.23 12.10
CA VAL A 33 -10.98 5.43 12.84
C VAL A 33 -11.06 6.78 13.57
N SER A 34 -10.22 6.92 14.58
CA SER A 34 -10.25 8.14 15.41
C SER A 34 -9.63 9.31 14.69
N LYS A 35 -9.86 10.50 15.23
CA LYS A 35 -9.20 11.69 14.65
C LYS A 35 -7.70 11.61 14.72
N GLN A 36 -7.14 11.10 15.83
CA GLN A 36 -5.69 11.08 15.90
C GLN A 36 -5.10 10.03 14.97
N VAL A 37 -5.81 8.92 14.68
CA VAL A 37 -5.26 8.05 13.62
C VAL A 37 -5.20 8.82 12.28
N ARG A 38 -6.22 9.57 11.96
CA ARG A 38 -6.22 10.34 10.72
C ARG A 38 -5.10 11.40 10.71
N GLU A 39 -4.91 12.04 11.85
CA GLU A 39 -3.89 13.07 11.95
C GLU A 39 -2.51 12.50 11.64
N ALA A 40 -2.22 11.30 12.15
CA ALA A 40 -0.92 10.69 11.87
C ALA A 40 -0.79 10.33 10.40
N VAL A 41 -1.87 9.79 9.82
CA VAL A 41 -1.80 9.35 8.44
C VAL A 41 -1.69 10.55 7.53
N GLY A 42 -2.28 11.69 7.95
CA GLY A 42 -2.18 12.93 7.20
C GLY A 42 -0.86 13.71 7.44
N SER A 43 0.18 13.09 7.99
CA SER A 43 1.32 13.88 8.50
C SER A 43 2.40 14.00 7.42
N VAL A 44 3.46 14.78 7.73
CA VAL A 44 4.56 14.92 6.78
C VAL A 44 5.45 13.70 6.69
N LEU A 45 5.15 12.62 7.42
CA LEU A 45 5.99 11.44 7.31
C LEU A 45 5.89 10.79 5.93
N THR A 46 4.89 11.13 5.14
CA THR A 46 4.83 10.64 3.75
C THR A 46 6.02 11.13 2.94
N ASN A 47 6.64 12.25 3.36
CA ASN A 47 7.69 12.85 2.52
C ASN A 47 8.98 12.02 2.52
N LYS A 48 9.14 11.14 3.48
CA LYS A 48 10.40 10.42 3.63
C LYS A 48 10.54 9.01 3.08
N TYR A 49 11.55 8.79 2.27
CA TYR A 49 11.85 7.48 1.80
C TYR A 49 12.65 6.77 2.90
N ALA A 50 12.20 5.59 3.26
CA ALA A 50 12.83 4.85 4.36
C ALA A 50 12.95 3.35 4.03
N GLU A 51 13.40 3.02 2.83
N GLU A 51 13.46 3.04 2.85
CA GLU A 51 13.64 1.61 2.51
CA GLU A 51 13.71 1.64 2.51
C GLU A 51 14.62 0.99 3.51
C GLU A 51 14.64 0.99 3.53
N GLY A 52 14.34 -0.26 3.89
CA GLY A 52 15.14 -0.97 4.91
C GLY A 52 14.37 -1.07 6.18
N TYR A 53 15.09 -1.25 7.30
CA TYR A 53 14.48 -1.42 8.61
C TYR A 53 15.17 -0.48 9.59
N PRO A 54 14.59 -0.27 10.77
CA PRO A 54 15.21 0.66 11.74
C PRO A 54 16.67 0.30 12.02
N GLY A 55 17.55 1.29 11.93
CA GLY A 55 18.96 1.01 12.13
C GLY A 55 19.67 0.48 10.92
N ALA A 56 18.97 0.14 9.85
CA ALA A 56 19.56 -0.44 8.65
C ALA A 56 18.80 0.04 7.41
N ARG A 57 18.83 1.35 7.17
CA ARG A 57 18.12 2.00 6.05
C ARG A 57 19.05 2.23 4.86
N TYR A 58 18.44 2.47 3.67
N TYR A 58 18.48 2.26 3.66
CA TYR A 58 19.14 2.78 2.41
CA TYR A 58 19.29 2.55 2.49
C TYR A 58 19.16 4.28 2.09
C TYR A 58 19.86 3.96 2.58
N TYR A 59 18.76 5.12 3.03
N TYR A 59 19.07 4.88 3.12
CA TYR A 59 18.78 6.57 2.87
CA TYR A 59 19.15 6.33 2.97
C TYR A 59 19.22 7.16 4.21
C TYR A 59 19.68 6.97 4.24
N GLY A 60 19.93 8.28 4.15
CA GLY A 60 20.17 9.05 5.35
C GLY A 60 18.88 9.73 5.84
N GLY A 61 18.98 10.38 6.99
CA GLY A 61 17.90 11.23 7.48
C GLY A 61 16.73 10.47 8.10
N CYS A 62 16.91 9.19 8.45
CA CYS A 62 15.82 8.39 8.99
C CYS A 62 15.84 8.31 10.53
N GLU A 63 16.63 9.14 11.23
CA GLU A 63 16.72 8.91 12.66
C GLU A 63 15.38 9.06 13.38
N VAL A 64 14.50 9.99 12.95
CA VAL A 64 13.20 10.07 13.65
C VAL A 64 12.26 8.97 13.17
N ILE A 65 12.23 8.72 11.84
CA ILE A 65 11.36 7.65 11.30
C ILE A 65 11.68 6.33 11.99
N ASP A 66 12.97 6.08 12.30
CA ASP A 66 13.32 4.84 12.99
C ASP A 66 12.65 4.75 14.33
N ARG A 67 12.58 5.87 15.05
CA ARG A 67 11.88 5.81 16.34
C ARG A 67 10.40 5.54 16.16
N VAL A 68 9.79 6.09 15.10
CA VAL A 68 8.36 5.85 14.86
C VAL A 68 8.12 4.38 14.56
N GLU A 69 8.90 3.83 13.64
CA GLU A 69 8.66 2.45 13.23
C GLU A 69 8.98 1.48 14.38
N SER A 70 10.04 1.75 15.16
CA SER A 70 10.34 0.94 16.33
C SER A 70 9.22 0.99 17.36
N LEU A 71 8.62 2.18 17.55
CA LEU A 71 7.52 2.29 18.50
C LEU A 71 6.32 1.45 18.04
N ALA A 72 6.02 1.47 16.74
CA ALA A 72 4.93 0.63 16.25
C ALA A 72 5.24 -0.84 16.50
N ILE A 73 6.50 -1.25 16.22
CA ILE A 73 6.89 -2.67 16.38
C ILE A 73 6.75 -3.09 17.83
N GLU A 74 7.30 -2.28 18.74
CA GLU A 74 7.29 -2.69 20.15
C GLU A 74 5.88 -2.69 20.72
N ARG A 75 5.02 -1.72 20.31
CA ARG A 75 3.64 -1.76 20.76
C ARG A 75 2.88 -2.97 20.21
N ALA A 76 3.13 -3.35 18.94
CA ALA A 76 2.46 -4.55 18.42
C ALA A 76 2.87 -5.77 19.20
N LYS A 77 4.15 -5.89 19.50
CA LYS A 77 4.61 -7.06 20.29
C LYS A 77 3.98 -7.10 21.69
N ALA A 78 3.91 -5.94 22.35
CA ALA A 78 3.29 -5.90 23.68
C ALA A 78 1.80 -6.17 23.60
N LEU A 79 1.13 -5.66 22.56
CA LEU A 79 -0.32 -5.83 22.47
C LEU A 79 -0.69 -7.28 22.23
N PHE A 80 0.01 -7.97 21.33
CA PHE A 80 -0.41 -9.32 20.97
C PHE A 80 0.40 -10.42 21.67
N GLY A 81 1.43 -10.08 22.41
CA GLY A 81 2.30 -11.09 23.02
C GLY A 81 3.13 -11.80 21.97
N ALA A 82 3.85 -11.03 21.14
CA ALA A 82 4.65 -11.59 20.06
C ALA A 82 6.13 -11.31 20.31
N ALA A 83 6.98 -12.08 19.64
CA ALA A 83 8.41 -11.94 19.72
C ALA A 83 9.01 -11.14 18.57
N TRP A 84 8.24 -10.94 17.51
CA TRP A 84 8.75 -10.24 16.32
C TRP A 84 7.52 -9.66 15.62
N ALA A 85 7.69 -8.50 14.97
CA ALA A 85 6.60 -7.93 14.18
C ALA A 85 7.19 -7.26 12.96
N ASN A 86 6.38 -7.17 11.89
CA ASN A 86 6.74 -6.35 10.75
C ASN A 86 5.53 -5.47 10.46
N VAL A 87 5.72 -4.14 10.53
CA VAL A 87 4.63 -3.20 10.40
C VAL A 87 4.62 -2.53 9.03
N GLN A 88 5.54 -2.96 8.12
CA GLN A 88 5.57 -2.36 6.76
C GLN A 88 4.52 -2.84 5.73
N PRO A 89 3.81 -3.99 5.84
CA PRO A 89 2.94 -4.38 4.70
C PRO A 89 1.92 -3.28 4.39
N HIS A 90 1.79 -2.95 3.09
CA HIS A 90 0.83 -1.93 2.65
C HIS A 90 -0.63 -2.35 2.87
N SER A 91 -0.91 -3.67 3.03
CA SER A 91 -2.28 -4.13 3.12
C SER A 91 -2.25 -5.56 3.70
N GLY A 92 -3.42 -6.08 4.04
CA GLY A 92 -3.47 -7.49 4.44
C GLY A 92 -2.99 -8.40 3.31
N SER A 93 -3.33 -8.04 2.07
CA SER A 93 -2.96 -8.88 0.92
C SER A 93 -1.45 -8.97 0.76
N GLN A 94 -0.75 -7.83 0.96
CA GLN A 94 0.71 -7.87 0.88
C GLN A 94 1.31 -8.62 2.06
N ALA A 95 0.69 -8.55 3.24
CA ALA A 95 1.20 -9.34 4.37
C ALA A 95 1.18 -10.83 4.01
N ASN A 96 0.05 -11.30 3.49
CA ASN A 96 -0.04 -12.72 3.10
C ASN A 96 0.93 -13.06 1.99
N MET A 97 1.01 -12.19 0.99
CA MET A 97 1.92 -12.46 -0.15
C MET A 97 3.36 -12.65 0.32
N ALA A 98 3.84 -11.78 1.21
CA ALA A 98 5.23 -11.93 1.69
C ALA A 98 5.43 -13.24 2.46
N VAL A 99 4.46 -13.63 3.26
CA VAL A 99 4.59 -14.86 4.04
C VAL A 99 4.59 -16.04 3.10
N TYR A 100 3.66 -16.05 2.12
CA TYR A 100 3.66 -17.20 1.17
C TYR A 100 4.99 -17.29 0.43
N MET A 101 5.51 -16.15 -0.08
CA MET A 101 6.77 -16.21 -0.80
C MET A 101 7.96 -16.56 0.08
N ALA A 102 7.87 -16.32 1.37
CA ALA A 102 8.98 -16.68 2.24
C ALA A 102 9.00 -18.15 2.54
N LEU A 103 7.84 -18.80 2.52
CA LEU A 103 7.69 -20.19 3.01
C LEU A 103 7.57 -21.19 1.86
N MET A 104 7.15 -20.74 0.67
CA MET A 104 6.88 -21.64 -0.44
C MET A 104 7.61 -21.17 -1.68
N GLU A 105 7.77 -22.14 -2.65
CA GLU A 105 8.16 -21.91 -4.04
C GLU A 105 6.93 -22.00 -4.95
N PRO A 106 6.92 -21.30 -6.07
CA PRO A 106 5.85 -21.48 -7.04
C PRO A 106 5.66 -22.96 -7.34
N GLY A 107 4.41 -23.40 -7.41
CA GLY A 107 4.10 -24.81 -7.60
C GLY A 107 3.88 -25.61 -6.32
N ASP A 108 4.28 -25.10 -5.15
CA ASP A 108 4.00 -25.77 -3.88
C ASP A 108 2.50 -25.72 -3.59
N THR A 109 2.07 -26.54 -2.62
CA THR A 109 0.64 -26.69 -2.34
C THR A 109 0.25 -25.84 -1.11
N LEU A 110 -0.84 -25.07 -1.26
CA LEU A 110 -1.36 -24.20 -0.21
C LEU A 110 -2.75 -24.74 0.15
N MET A 111 -3.08 -24.81 1.43
CA MET A 111 -4.42 -25.27 1.83
C MET A 111 -5.10 -24.12 2.59
N GLY A 112 -6.35 -23.75 2.21
CA GLY A 112 -6.97 -22.62 2.86
C GLY A 112 -8.46 -22.85 2.83
N MET A 113 -9.18 -21.99 3.52
CA MET A 113 -10.65 -22.15 3.54
C MET A 113 -11.26 -21.69 2.21
N ASP A 114 -12.21 -22.49 1.72
CA ASP A 114 -12.89 -22.19 0.44
C ASP A 114 -13.55 -20.82 0.48
N LEU A 115 -13.49 -20.09 -0.64
CA LEU A 115 -14.11 -18.76 -0.72
C LEU A 115 -15.59 -18.84 -0.38
N ALA A 116 -16.26 -19.87 -0.90
CA ALA A 116 -17.71 -19.97 -0.70
C ALA A 116 -18.07 -20.33 0.74
N ALA A 117 -17.13 -20.86 1.52
CA ALA A 117 -17.41 -21.17 2.90
C ALA A 117 -16.94 -20.07 3.82
N GLY A 118 -16.30 -19.01 3.29
CA GLY A 118 -15.92 -17.90 4.16
C GLY A 118 -14.45 -17.51 4.05
N GLY A 119 -13.65 -18.24 3.25
CA GLY A 119 -12.23 -17.89 3.12
C GLY A 119 -12.05 -16.55 2.41
N HIS A 120 -10.86 -15.98 2.52
CA HIS A 120 -10.50 -14.75 1.80
C HIS A 120 -9.96 -15.07 0.39
N LEU A 121 -10.05 -14.07 -0.51
CA LEU A 121 -9.41 -14.19 -1.84
C LEU A 121 -7.98 -14.73 -1.78
N THR A 122 -7.18 -14.30 -0.79
CA THR A 122 -5.77 -14.66 -0.76
C THR A 122 -5.55 -16.05 -0.10
N HIS A 123 -6.63 -16.79 0.20
CA HIS A 123 -6.52 -18.12 0.78
C HIS A 123 -6.62 -19.18 -0.32
N GLY A 124 -6.46 -18.76 -1.57
CA GLY A 124 -6.32 -19.75 -2.67
C GLY A 124 -7.23 -19.56 -3.87
N SER A 125 -7.88 -18.41 -4.00
CA SER A 125 -8.77 -18.22 -5.14
C SER A 125 -8.01 -18.23 -6.46
N ARG A 126 -8.59 -18.85 -7.53
CA ARG A 126 -7.87 -18.96 -8.79
C ARG A 126 -7.67 -17.63 -9.52
N VAL A 127 -8.49 -16.62 -9.19
CA VAL A 127 -8.33 -15.27 -9.77
C VAL A 127 -7.31 -14.43 -8.99
N ASN A 128 -6.78 -14.94 -7.86
CA ASN A 128 -5.84 -14.21 -7.00
C ASN A 128 -4.45 -14.83 -7.14
N PHE A 129 -3.40 -14.08 -6.73
CA PHE A 129 -2.03 -14.59 -6.91
C PHE A 129 -1.89 -15.93 -6.19
N SER A 130 -2.67 -16.12 -5.12
CA SER A 130 -2.49 -17.31 -4.29
C SER A 130 -2.84 -18.57 -5.10
N GLY A 131 -3.88 -18.48 -5.95
CA GLY A 131 -4.28 -19.61 -6.77
C GLY A 131 -3.59 -19.68 -8.11
N LYS A 132 -2.87 -18.63 -8.49
CA LYS A 132 -2.08 -18.57 -9.71
C LYS A 132 -0.67 -19.11 -9.51
N LEU A 133 -0.04 -18.80 -8.38
CA LEU A 133 1.34 -19.26 -8.16
C LEU A 133 1.41 -20.65 -7.54
N TYR A 134 0.41 -21.04 -6.74
CA TYR A 134 0.48 -22.25 -5.92
C TYR A 134 -0.63 -23.22 -6.33
N LYS A 135 -0.45 -24.52 -6.01
CA LYS A 135 -1.56 -25.46 -6.13
C LYS A 135 -2.41 -25.34 -4.86
N VAL A 136 -3.73 -25.35 -5.01
CA VAL A 136 -4.61 -25.01 -3.89
C VAL A 136 -5.51 -26.20 -3.55
N VAL A 137 -5.60 -26.50 -2.26
CA VAL A 137 -6.59 -27.46 -1.74
C VAL A 137 -7.42 -26.66 -0.76
N SER A 138 -8.75 -26.73 -0.86
CA SER A 138 -9.62 -25.96 0.03
C SER A 138 -10.40 -26.82 0.99
N TYR A 139 -10.69 -26.31 2.18
CA TYR A 139 -11.59 -26.98 3.08
C TYR A 139 -12.78 -26.05 3.32
N GLY A 140 -13.91 -26.64 3.75
CA GLY A 140 -15.13 -25.87 3.88
C GLY A 140 -15.79 -26.15 5.23
N VAL A 141 -17.11 -26.05 5.25
CA VAL A 141 -17.87 -26.38 6.44
C VAL A 141 -18.79 -27.59 6.13
N ARG A 142 -19.15 -28.28 7.13
CA ARG A 142 -20.04 -29.43 7.05
C ARG A 142 -21.48 -28.95 6.89
N PRO A 143 -22.28 -29.62 6.05
CA PRO A 143 -23.68 -29.15 5.85
C PRO A 143 -24.51 -29.31 7.09
N ASP A 144 -24.25 -30.32 7.89
CA ASP A 144 -25.07 -30.56 9.06
C ASP A 144 -24.67 -29.75 10.28
N THR A 145 -23.38 -29.36 10.45
CA THR A 145 -23.05 -28.54 11.60
C THR A 145 -22.89 -27.06 11.24
N GLU A 146 -22.70 -26.78 9.96
CA GLU A 146 -22.33 -25.43 9.50
C GLU A 146 -20.98 -24.99 10.10
N LEU A 147 -20.18 -25.93 10.60
CA LEU A 147 -18.89 -25.63 11.21
C LEU A 147 -17.77 -26.32 10.44
N ILE A 148 -16.53 -25.88 10.69
CA ILE A 148 -15.39 -26.59 10.13
C ILE A 148 -15.33 -27.99 10.71
N ASP A 149 -14.89 -28.96 9.89
CA ASP A 149 -14.74 -30.34 10.37
C ASP A 149 -13.26 -30.67 10.46
N LEU A 150 -12.74 -30.73 11.67
CA LEU A 150 -11.29 -30.86 11.76
C LEU A 150 -10.83 -32.23 11.25
N GLU A 151 -11.72 -33.24 11.24
CA GLU A 151 -11.37 -34.53 10.66
C GLU A 151 -11.20 -34.42 9.17
N GLU A 152 -12.06 -33.62 8.51
CA GLU A 152 -11.87 -33.41 7.07
C GLU A 152 -10.62 -32.59 6.77
N VAL A 153 -10.35 -31.55 7.55
CA VAL A 153 -9.07 -30.82 7.37
C VAL A 153 -7.90 -31.79 7.47
N ARG A 154 -7.92 -32.66 8.47
CA ARG A 154 -6.80 -33.63 8.63
C ARG A 154 -6.69 -34.55 7.42
N ARG A 155 -7.83 -35.11 6.98
CA ARG A 155 -7.79 -36.03 5.85
C ARG A 155 -7.25 -35.35 4.59
N LEU A 156 -7.66 -34.11 4.35
CA LEU A 156 -7.15 -33.42 3.17
C LEU A 156 -5.65 -33.17 3.31
N ALA A 157 -5.21 -32.78 4.52
CA ALA A 157 -3.79 -32.46 4.70
C ALA A 157 -2.95 -33.73 4.51
N LEU A 158 -3.42 -34.87 5.04
CA LEU A 158 -2.68 -36.12 4.85
C LEU A 158 -2.61 -36.53 3.38
N GLU A 159 -3.70 -36.34 2.66
CA GLU A 159 -3.76 -36.72 1.26
C GLU A 159 -2.96 -35.78 0.37
N HIS A 160 -3.00 -34.46 0.63
CA HIS A 160 -2.36 -33.54 -0.29
C HIS A 160 -1.03 -32.95 0.18
N ARG A 161 -0.64 -33.15 1.44
CA ARG A 161 0.66 -32.72 1.97
C ARG A 161 0.95 -31.24 1.63
N PRO A 162 0.10 -30.33 2.07
CA PRO A 162 0.39 -28.91 1.80
C PRO A 162 1.69 -28.47 2.49
N LYS A 163 2.32 -27.46 1.89
CA LYS A 163 3.46 -26.81 2.51
C LYS A 163 3.00 -25.81 3.57
N VAL A 164 1.86 -25.16 3.32
CA VAL A 164 1.30 -24.13 4.19
C VAL A 164 -0.18 -24.45 4.37
N ILE A 165 -0.66 -24.39 5.60
CA ILE A 165 -2.08 -24.47 5.90
C ILE A 165 -2.45 -23.10 6.48
N VAL A 166 -3.46 -22.45 5.91
CA VAL A 166 -4.00 -21.15 6.43
C VAL A 166 -5.27 -21.40 7.22
N ALA A 167 -5.30 -20.86 8.44
CA ALA A 167 -6.52 -20.80 9.25
C ALA A 167 -6.91 -19.32 9.40
N GLY A 168 -8.19 -19.07 9.54
CA GLY A 168 -8.67 -17.70 9.48
C GLY A 168 -9.51 -17.51 8.22
N ALA A 169 -10.40 -16.50 8.25
CA ALA A 169 -11.43 -16.39 7.20
C ALA A 169 -12.01 -14.99 7.27
N SER A 170 -12.83 -14.66 6.30
CA SER A 170 -13.49 -13.36 6.26
CA SER A 170 -13.47 -13.35 6.31
C SER A 170 -14.93 -13.43 6.73
N ALA A 171 -15.49 -14.63 6.81
CA ALA A 171 -16.90 -14.68 7.14
C ALA A 171 -17.21 -15.96 7.91
N TYR A 172 -16.50 -16.20 9.01
CA TYR A 172 -16.74 -17.41 9.80
C TYR A 172 -17.08 -16.96 11.22
N PRO A 173 -18.27 -17.29 11.74
CA PRO A 173 -18.77 -16.67 12.99
C PRO A 173 -18.40 -17.40 14.25
N ARG A 174 -17.53 -18.42 14.19
CA ARG A 174 -17.17 -19.10 15.43
C ARG A 174 -15.67 -19.09 15.68
N PHE A 175 -15.30 -19.45 16.91
CA PHE A 175 -13.89 -19.56 17.30
C PHE A 175 -13.19 -20.62 16.45
N TRP A 176 -11.89 -20.45 16.31
CA TRP A 176 -11.00 -21.39 15.65
C TRP A 176 -10.28 -22.19 16.73
N ASP A 177 -10.03 -23.45 16.44
CA ASP A 177 -9.17 -24.27 17.32
C ASP A 177 -7.74 -24.27 16.79
N PHE A 178 -6.94 -23.28 17.21
CA PHE A 178 -5.59 -23.17 16.64
C PHE A 178 -4.69 -24.30 17.07
N LYS A 179 -4.89 -24.81 18.29
CA LYS A 179 -4.11 -25.97 18.74
C LYS A 179 -4.32 -27.18 17.83
N ALA A 180 -5.57 -27.47 17.47
CA ALA A 180 -5.84 -28.60 16.59
C ALA A 180 -5.27 -28.36 15.22
N PHE A 181 -5.36 -27.11 14.72
CA PHE A 181 -4.72 -26.85 13.43
C PHE A 181 -3.23 -27.07 13.50
N ARG A 182 -2.57 -26.62 14.58
CA ARG A 182 -1.11 -26.80 14.62
C ARG A 182 -0.75 -28.32 14.70
N GLU A 183 -1.58 -29.12 15.40
CA GLU A 183 -1.38 -30.58 15.42
C GLU A 183 -1.42 -31.17 14.02
N ILE A 184 -2.43 -30.78 13.24
CA ILE A 184 -2.54 -31.25 11.86
C ILE A 184 -1.33 -30.81 11.03
N ALA A 185 -0.96 -29.52 11.14
CA ALA A 185 0.21 -29.06 10.38
C ALA A 185 1.48 -29.85 10.77
N ASP A 186 1.68 -30.10 12.08
CA ASP A 186 2.87 -30.83 12.55
C ASP A 186 2.89 -32.25 11.99
N GLU A 187 1.71 -32.85 11.85
CA GLU A 187 1.64 -34.22 11.35
C GLU A 187 2.12 -34.35 9.90
N VAL A 188 1.96 -33.31 9.07
CA VAL A 188 2.37 -33.38 7.67
C VAL A 188 3.57 -32.48 7.38
N GLY A 189 4.16 -31.90 8.41
CA GLY A 189 5.32 -31.05 8.19
C GLY A 189 5.00 -29.71 7.51
N ALA A 190 3.77 -29.21 7.63
CA ALA A 190 3.35 -27.93 7.03
C ALA A 190 3.62 -26.77 8.00
N TYR A 191 3.77 -25.53 7.45
CA TYR A 191 3.67 -24.36 8.31
C TYR A 191 2.20 -24.02 8.53
N LEU A 192 1.86 -23.57 9.73
CA LEU A 192 0.53 -23.06 9.98
C LEU A 192 0.59 -21.53 9.95
N VAL A 193 -0.18 -20.90 9.05
CA VAL A 193 -0.28 -19.43 8.99
C VAL A 193 -1.67 -19.10 9.47
N VAL A 194 -1.80 -18.16 10.43
CA VAL A 194 -3.13 -17.74 10.80
C VAL A 194 -3.33 -16.30 10.27
N ASP A 195 -4.38 -16.10 9.50
CA ASP A 195 -4.78 -14.77 9.03
C ASP A 195 -5.87 -14.30 9.97
N MET A 196 -5.50 -13.42 10.91
CA MET A 196 -6.48 -13.01 11.89
C MET A 196 -7.08 -11.66 11.57
N ALA A 197 -7.00 -11.20 10.32
CA ALA A 197 -7.41 -9.82 10.02
C ALA A 197 -8.79 -9.50 10.61
N HIS A 198 -9.78 -10.38 10.37
CA HIS A 198 -11.14 -9.99 10.80
C HIS A 198 -11.25 -9.85 12.32
N PHE A 199 -10.61 -10.76 13.10
CA PHE A 199 -10.86 -10.82 14.53
C PHE A 199 -9.67 -10.31 15.33
N ALA A 200 -8.75 -9.58 14.68
CA ALA A 200 -7.54 -9.14 15.41
C ALA A 200 -7.86 -8.28 16.64
N GLY A 201 -8.83 -7.38 16.53
CA GLY A 201 -9.19 -6.53 17.65
C GLY A 201 -9.68 -7.36 18.83
N LEU A 202 -10.44 -8.43 18.53
CA LEU A 202 -10.93 -9.27 19.61
C LEU A 202 -9.80 -10.05 20.26
N VAL A 203 -8.78 -10.44 19.48
CA VAL A 203 -7.60 -11.07 20.07
C VAL A 203 -6.87 -10.08 20.97
N ALA A 204 -6.69 -8.86 20.49
CA ALA A 204 -6.03 -7.80 21.28
C ALA A 204 -6.72 -7.59 22.63
N ALA A 205 -8.04 -7.68 22.66
CA ALA A 205 -8.83 -7.40 23.87
C ALA A 205 -8.99 -8.64 24.73
N GLY A 206 -8.49 -9.78 24.29
CA GLY A 206 -8.60 -11.01 25.09
C GLY A 206 -9.90 -11.74 24.97
N LEU A 207 -10.70 -11.43 23.96
CA LEU A 207 -12.03 -11.99 23.76
C LEU A 207 -12.08 -13.04 22.68
N HIS A 208 -10.93 -13.43 22.13
CA HIS A 208 -10.85 -14.43 21.11
C HIS A 208 -9.54 -15.13 21.39
N PRO A 209 -9.47 -16.44 21.24
CA PRO A 209 -8.22 -17.18 21.45
C PRO A 209 -7.10 -16.59 20.62
N ASN A 210 -5.92 -16.48 21.24
CA ASN A 210 -4.80 -15.84 20.52
C ASN A 210 -4.05 -16.88 19.70
N PRO A 211 -3.81 -16.66 18.39
CA PRO A 211 -3.09 -17.68 17.62
C PRO A 211 -1.56 -17.66 17.77
N LEU A 212 -0.97 -16.65 18.41
CA LEU A 212 0.50 -16.51 18.42
C LEU A 212 1.24 -17.75 18.91
N PRO A 213 0.81 -18.46 19.95
CA PRO A 213 1.62 -19.59 20.43
C PRO A 213 1.59 -20.79 19.51
N TYR A 214 0.57 -20.89 18.65
CA TYR A 214 0.30 -22.10 17.86
C TYR A 214 0.64 -21.93 16.40
N ALA A 215 0.43 -20.74 15.83
CA ALA A 215 0.87 -20.52 14.45
C ALA A 215 2.38 -20.37 14.32
N HIS A 216 2.91 -20.73 13.14
CA HIS A 216 4.29 -20.32 12.83
C HIS A 216 4.36 -18.83 12.56
N VAL A 217 3.34 -18.29 11.87
CA VAL A 217 3.31 -16.87 11.49
C VAL A 217 1.86 -16.43 11.54
N VAL A 218 1.63 -15.18 11.94
CA VAL A 218 0.27 -14.62 12.01
C VAL A 218 0.23 -13.35 11.12
N THR A 219 -0.74 -13.24 10.24
CA THR A 219 -0.88 -12.02 9.44
C THR A 219 -2.18 -11.32 9.85
N SER A 220 -2.27 -10.02 9.53
CA SER A 220 -3.46 -9.28 9.89
C SER A 220 -3.53 -8.04 9.05
N THR A 221 -4.70 -7.42 9.05
CA THR A 221 -4.81 -6.00 8.68
C THR A 221 -4.72 -5.21 9.98
N THR A 222 -4.46 -3.90 9.86
CA THR A 222 -4.57 -3.05 11.06
C THR A 222 -5.92 -2.32 11.09
N HIS A 223 -6.68 -2.35 10.00
CA HIS A 223 -8.08 -1.88 10.01
C HIS A 223 -9.01 -3.09 10.35
N1 LLP A 224 -7.31 -11.68 4.79
C2 LLP A 224 -8.43 -11.66 5.48
C2' LLP A 224 -8.86 -12.88 6.24
C3 LLP A 224 -9.18 -10.44 5.47
O3 LLP A 224 -10.32 -10.46 6.23
C4 LLP A 224 -8.67 -9.31 4.73
C4' LLP A 224 -9.35 -8.05 4.89
C5 LLP A 224 -7.46 -9.52 4.00
C6 LLP A 224 -6.82 -10.74 4.07
C5' LLP A 224 -6.91 -8.46 3.08
OP4 LLP A 224 -6.73 -7.16 3.44
P LLP A 224 -6.60 -5.91 2.37
OP1 LLP A 224 -8.02 -5.63 1.78
OP2 LLP A 224 -6.07 -4.77 3.23
OP3 LLP A 224 -5.66 -6.32 1.23
N LLP A 224 -10.33 -2.91 10.30
CA LLP A 224 -11.35 -3.90 10.69
CB LLP A 224 -11.04 -5.35 10.20
CG LLP A 224 -10.92 -5.35 8.65
CD LLP A 224 -10.82 -6.75 8.00
CE LLP A 224 -10.69 -6.65 6.42
NZ LLP A 224 -10.10 -7.91 5.97
C LLP A 224 -11.52 -3.86 12.21
O LLP A 224 -11.68 -2.74 12.75
N THR A 225 -11.56 -4.99 12.93
CA THR A 225 -11.88 -4.87 14.37
C THR A 225 -10.76 -4.18 15.19
N LEU A 226 -9.54 -4.17 14.69
CA LEU A 226 -8.47 -3.44 15.40
C LEU A 226 -8.64 -1.91 15.29
N ARG A 227 -9.47 -1.44 14.36
CA ARG A 227 -9.89 -0.05 14.25
C ARG A 227 -8.71 0.90 13.97
N GLY A 228 -7.71 0.40 13.22
CA GLY A 228 -6.57 1.20 12.83
C GLY A 228 -6.64 1.68 11.37
N PRO A 229 -5.59 2.31 10.91
CA PRO A 229 -5.53 2.77 9.50
C PRO A 229 -5.47 1.53 8.61
N ARG A 230 -5.81 1.73 7.33
CA ARG A 230 -5.80 0.65 6.36
C ARG A 230 -4.34 0.23 6.08
N GLY A 231 -4.02 -1.05 6.28
CA GLY A 231 -2.63 -1.51 6.15
C GLY A 231 -2.54 -2.95 6.64
N GLY A 232 -1.34 -3.51 6.59
CA GLY A 232 -1.10 -4.89 7.02
C GLY A 232 -0.10 -4.98 8.17
N LEU A 233 0.08 -6.20 8.66
CA LEU A 233 0.86 -6.47 9.87
C LEU A 233 1.25 -7.94 9.85
N ILE A 234 2.46 -8.29 10.30
CA ILE A 234 2.87 -9.69 10.44
C ILE A 234 3.49 -9.86 11.82
N LEU A 235 3.23 -10.99 12.46
CA LEU A 235 3.72 -11.25 13.83
C LEU A 235 4.19 -12.69 13.91
N SER A 236 5.05 -12.98 14.90
CA SER A 236 5.39 -14.39 15.06
C SER A 236 5.99 -14.56 16.44
N ASN A 237 6.05 -15.81 16.92
CA ASN A 237 6.88 -16.06 18.10
C ASN A 237 8.27 -16.53 17.75
N ASP A 238 8.65 -16.47 16.48
CA ASP A 238 9.96 -16.99 16.06
C ASP A 238 10.74 -15.92 15.33
N PRO A 239 11.65 -15.23 16.00
CA PRO A 239 12.41 -14.15 15.35
C PRO A 239 13.28 -14.58 14.19
N GLU A 240 13.75 -15.83 14.15
CA GLU A 240 14.52 -16.31 12.98
C GLU A 240 13.66 -16.41 11.72
N LEU A 241 12.45 -16.97 11.86
CA LEU A 241 11.50 -16.93 10.75
C LEU A 241 11.13 -15.49 10.40
N GLY A 242 11.00 -14.63 11.43
CA GLY A 242 10.70 -13.22 11.17
C GLY A 242 11.77 -12.56 10.30
N LYS A 243 13.05 -12.87 10.55
CA LYS A 243 14.07 -12.25 9.70
C LYS A 243 13.93 -12.69 8.26
N ARG A 244 13.52 -13.93 8.01
CA ARG A 244 13.30 -14.34 6.65
C ARG A 244 12.15 -13.56 6.00
N ILE A 245 11.07 -13.35 6.75
CA ILE A 245 9.92 -12.64 6.20
C ILE A 245 10.22 -11.18 6.03
N ASP A 246 11.03 -10.59 6.93
CA ASP A 246 11.46 -9.19 6.73
C ASP A 246 12.07 -9.02 5.33
N LYS A 247 12.88 -10.00 4.90
CA LYS A 247 13.54 -9.86 3.62
C LYS A 247 12.57 -9.98 2.45
N LEU A 248 11.47 -10.73 2.63
CA LEU A 248 10.51 -10.80 1.55
C LEU A 248 9.68 -9.51 1.47
N ILE A 249 9.38 -8.83 2.60
CA ILE A 249 8.67 -7.55 2.50
C ILE A 249 9.56 -6.54 1.78
N PHE A 250 10.85 -6.51 2.14
CA PHE A 250 11.77 -5.56 1.48
C PHE A 250 13.13 -6.22 1.56
N PRO A 251 13.83 -6.40 0.42
CA PRO A 251 13.50 -5.90 -0.91
C PRO A 251 12.66 -6.85 -1.72
N GLY A 252 12.04 -7.86 -1.11
CA GLY A 252 11.27 -8.83 -1.91
C GLY A 252 10.05 -8.33 -2.67
N ILE A 253 9.07 -7.72 -2.01
CA ILE A 253 7.84 -7.36 -2.72
C ILE A 253 7.45 -5.89 -2.60
N GLN A 254 8.06 -5.11 -1.70
CA GLN A 254 7.69 -3.70 -1.57
C GLN A 254 8.94 -2.88 -1.80
N GLY A 255 8.72 -1.57 -1.95
CA GLY A 255 9.83 -0.63 -2.01
C GLY A 255 9.75 0.23 -0.73
N GLY A 256 9.51 1.53 -0.86
CA GLY A 256 9.43 2.40 0.32
C GLY A 256 8.19 2.07 1.13
N PRO A 257 8.30 2.00 2.45
CA PRO A 257 7.12 1.82 3.31
C PRO A 257 6.34 3.12 3.44
N LEU A 258 5.07 2.99 3.84
CA LEU A 258 4.26 4.23 4.03
C LEU A 258 4.42 4.66 5.49
N GLU A 259 5.43 5.50 5.78
CA GLU A 259 5.71 5.71 7.21
C GLU A 259 4.65 6.57 7.90
N HIS A 260 3.89 7.36 7.13
CA HIS A 260 2.75 8.07 7.75
C HIS A 260 1.68 7.06 8.19
N VAL A 261 1.50 5.98 7.40
CA VAL A 261 0.52 4.96 7.82
C VAL A 261 1.07 4.18 9.00
N ILE A 262 2.38 3.91 8.98
CA ILE A 262 2.99 3.25 10.14
C ILE A 262 2.83 4.06 11.42
N ALA A 263 2.97 5.38 11.33
CA ALA A 263 2.70 6.19 12.54
C ALA A 263 1.25 6.01 12.95
N GLY A 264 0.31 5.96 11.97
CA GLY A 264 -1.09 5.63 12.25
C GLY A 264 -1.23 4.28 12.95
N LYS A 265 -0.43 3.29 12.55
CA LYS A 265 -0.55 1.98 13.19
C LYS A 265 -0.11 2.08 14.64
N ALA A 266 1.00 2.80 14.85
CA ALA A 266 1.45 3.05 16.21
C ALA A 266 0.34 3.64 17.08
N VAL A 267 -0.39 4.66 16.56
CA VAL A 267 -1.50 5.25 17.35
C VAL A 267 -2.60 4.21 17.62
N ALA A 268 -3.02 3.45 16.59
CA ALA A 268 -4.04 2.42 16.80
C ALA A 268 -3.63 1.40 17.85
N PHE A 269 -2.35 1.02 17.90
CA PHE A 269 -1.90 0.04 18.91
C PHE A 269 -1.95 0.68 20.29
N PHE A 270 -1.58 1.98 20.37
CA PHE A 270 -1.74 2.71 21.62
C PHE A 270 -3.19 2.69 22.06
N GLU A 271 -4.11 3.02 21.15
CA GLU A 271 -5.53 3.00 21.55
C GLU A 271 -5.94 1.61 22.02
N ALA A 272 -5.46 0.56 21.35
CA ALA A 272 -5.89 -0.78 21.68
C ALA A 272 -5.28 -1.27 23.02
N LEU A 273 -4.19 -0.65 23.45
CA LEU A 273 -3.56 -1.00 24.74
C LEU A 273 -4.26 -0.36 25.92
N GLN A 274 -5.24 0.55 25.68
CA GLN A 274 -5.98 1.25 26.75
C GLN A 274 -7.11 0.36 27.26
N PRO A 275 -7.46 0.48 28.53
CA PRO A 275 -8.59 -0.35 29.00
C PRO A 275 -9.88 -0.07 28.28
N GLU A 276 -10.10 1.14 27.81
CA GLU A 276 -11.34 1.46 27.09
C GLU A 276 -11.50 0.59 25.84
N PHE A 277 -10.40 0.12 25.27
CA PHE A 277 -10.56 -0.72 24.08
C PHE A 277 -11.14 -2.08 24.43
N LYS A 278 -10.86 -2.60 25.63
CA LYS A 278 -11.45 -3.89 26.03
C LYS A 278 -12.94 -3.72 26.21
N GLU A 279 -13.36 -2.58 26.72
CA GLU A 279 -14.78 -2.34 26.89
C GLU A 279 -15.48 -2.21 25.54
N TYR A 280 -14.84 -1.50 24.62
CA TYR A 280 -15.37 -1.41 23.26
C TYR A 280 -15.52 -2.81 22.66
N SER A 281 -14.48 -3.63 22.76
CA SER A 281 -14.54 -4.96 22.12
C SER A 281 -15.60 -5.84 22.78
N ARG A 282 -15.75 -5.75 24.10
CA ARG A 282 -16.82 -6.50 24.75
C ARG A 282 -18.18 -6.09 24.17
N LEU A 283 -18.39 -4.79 23.97
CA LEU A 283 -19.68 -4.31 23.46
C LEU A 283 -19.88 -4.79 22.02
N VAL A 284 -18.77 -4.86 21.23
CA VAL A 284 -18.90 -5.34 19.84
C VAL A 284 -19.52 -6.74 19.86
N VAL A 285 -18.98 -7.60 20.74
CA VAL A 285 -19.44 -8.99 20.74
C VAL A 285 -20.86 -9.09 21.34
N GLU A 286 -21.13 -8.34 22.40
CA GLU A 286 -22.51 -8.37 22.95
C GLU A 286 -23.51 -7.84 21.94
N ASN A 287 -23.16 -6.74 21.20
CA ASN A 287 -24.09 -6.24 20.20
C ASN A 287 -24.37 -7.28 19.13
N ALA A 288 -23.34 -7.99 18.68
CA ALA A 288 -23.55 -8.96 17.61
C ALA A 288 -24.43 -10.12 18.11
N LYS A 289 -24.16 -10.63 19.32
CA LYS A 289 -25.00 -11.73 19.86
C LYS A 289 -26.43 -11.27 20.02
N ARG A 290 -26.63 -10.03 20.51
CA ARG A 290 -27.97 -9.54 20.74
C ARG A 290 -28.71 -9.27 19.43
N LEU A 291 -28.03 -8.65 18.46
CA LEU A 291 -28.70 -8.40 17.17
C LEU A 291 -29.08 -9.72 16.51
N ALA A 292 -28.19 -10.73 16.58
CA ALA A 292 -28.53 -12.03 15.98
C ALA A 292 -29.76 -12.63 16.66
N GLU A 293 -29.84 -12.50 18.00
CA GLU A 293 -31.00 -13.07 18.73
C GLU A 293 -32.27 -12.35 18.34
N GLU A 294 -32.20 -11.02 18.22
CA GLU A 294 -33.38 -10.23 17.84
C GLU A 294 -33.84 -10.51 16.41
N LEU A 295 -32.93 -10.78 15.46
CA LEU A 295 -33.38 -11.18 14.14
C LEU A 295 -33.96 -12.59 14.16
N ALA A 296 -33.36 -13.50 14.92
CA ALA A 296 -33.95 -14.84 15.01
C ALA A 296 -35.39 -14.77 15.54
N ARG A 297 -35.62 -13.91 16.52
CA ARG A 297 -36.98 -13.78 17.07
C ARG A 297 -37.97 -13.24 16.06
N ARG A 298 -37.50 -12.52 15.03
CA ARG A 298 -38.37 -12.02 14.01
C ARG A 298 -38.48 -12.97 12.83
N GLY A 299 -37.89 -14.15 12.93
CA GLY A 299 -38.17 -15.10 11.88
C GLY A 299 -37.03 -15.42 10.93
N TYR A 300 -35.81 -14.95 11.20
CA TYR A 300 -34.69 -15.31 10.33
C TYR A 300 -33.94 -16.44 11.03
N ARG A 301 -33.18 -17.20 10.27
CA ARG A 301 -32.39 -18.25 10.90
C ARG A 301 -30.93 -17.78 10.92
N ILE A 302 -30.23 -17.97 12.03
CA ILE A 302 -28.81 -17.53 12.13
C ILE A 302 -27.93 -18.74 11.86
N VAL A 303 -27.01 -18.63 10.90
CA VAL A 303 -26.14 -19.78 10.55
C VAL A 303 -25.29 -20.13 11.78
N THR A 304 -25.18 -21.43 12.06
CA THR A 304 -24.58 -22.04 13.26
C THR A 304 -25.34 -21.73 14.51
N GLY A 305 -26.48 -21.02 14.42
CA GLY A 305 -27.28 -20.69 15.57
C GLY A 305 -26.84 -19.46 16.34
N GLY A 306 -25.79 -18.76 15.92
CA GLY A 306 -25.38 -17.62 16.71
C GLY A 306 -23.99 -17.22 16.25
N THR A 307 -23.23 -16.64 17.18
CA THR A 307 -21.87 -16.22 16.85
C THR A 307 -21.02 -16.14 18.11
N ASP A 308 -19.70 -16.33 17.92
CA ASP A 308 -18.73 -16.13 18.99
C ASP A 308 -18.00 -14.80 18.82
N ASN A 309 -18.25 -14.07 17.71
CA ASN A 309 -17.38 -12.91 17.49
C ASN A 309 -18.19 -11.68 17.04
N HIS A 310 -17.63 -10.84 16.16
CA HIS A 310 -18.26 -9.60 15.78
C HIS A 310 -19.21 -9.70 14.59
N LEU A 311 -19.36 -10.89 13.96
CA LEU A 311 -20.17 -10.96 12.73
C LEU A 311 -21.10 -12.17 12.84
N PHE A 312 -22.16 -12.15 12.06
CA PHE A 312 -23.01 -13.37 11.97
C PHE A 312 -23.61 -13.41 10.59
N LEU A 313 -24.08 -14.60 10.21
CA LEU A 313 -24.62 -14.83 8.88
C LEU A 313 -26.12 -15.13 9.01
N VAL A 314 -26.93 -14.43 8.23
CA VAL A 314 -28.39 -14.58 8.31
C VAL A 314 -28.83 -15.44 7.13
N ASP A 315 -29.57 -16.50 7.40
CA ASP A 315 -30.17 -17.33 6.35
C ASP A 315 -31.57 -16.77 6.06
N LEU A 316 -31.77 -16.28 4.86
CA LEU A 316 -32.99 -15.53 4.51
C LEU A 316 -34.07 -16.46 3.96
N ARG A 317 -33.79 -17.75 3.86
CA ARG A 317 -34.80 -18.68 3.32
C ARG A 317 -36.15 -18.65 4.04
N PRO A 318 -36.25 -18.50 5.36
CA PRO A 318 -37.59 -18.50 5.97
C PRO A 318 -38.46 -17.41 5.43
N LYS A 319 -37.88 -16.32 4.91
CA LYS A 319 -38.67 -15.22 4.40
C LYS A 319 -38.70 -15.19 2.87
N GLY A 320 -38.13 -16.18 2.21
CA GLY A 320 -38.18 -16.25 0.76
C GLY A 320 -37.41 -15.18 0.00
N LEU A 321 -36.36 -14.57 0.59
CA LEU A 321 -35.57 -13.54 -0.10
C LEU A 321 -34.21 -14.10 -0.50
N THR A 322 -33.58 -13.52 -1.51
CA THR A 322 -32.18 -13.85 -1.78
C THR A 322 -31.28 -12.80 -1.11
N GLY A 323 -30.00 -13.12 -1.03
CA GLY A 323 -29.06 -12.16 -0.46
C GLY A 323 -28.93 -10.91 -1.32
N LYS A 324 -29.04 -11.06 -2.63
CA LYS A 324 -28.99 -9.89 -3.50
C LYS A 324 -30.18 -8.98 -3.30
N GLU A 325 -31.40 -9.55 -3.18
CA GLU A 325 -32.53 -8.66 -2.93
C GLU A 325 -32.40 -7.98 -1.59
N ALA A 326 -31.95 -8.72 -0.56
CA ALA A 326 -31.88 -8.11 0.76
C ALA A 326 -30.88 -6.94 0.77
N GLU A 327 -29.71 -7.14 0.14
CA GLU A 327 -28.71 -6.07 0.04
C GLU A 327 -29.31 -4.83 -0.62
N GLU A 328 -30.06 -5.03 -1.71
CA GLU A 328 -30.63 -3.89 -2.43
C GLU A 328 -31.69 -3.15 -1.64
N ARG A 329 -32.60 -3.89 -0.98
CA ARG A 329 -33.64 -3.23 -0.19
C ARG A 329 -33.03 -2.48 0.98
N LEU A 330 -32.00 -3.05 1.58
CA LEU A 330 -31.40 -2.39 2.75
C LEU A 330 -30.60 -1.17 2.30
N ASP A 331 -29.85 -1.32 1.20
CA ASP A 331 -29.08 -0.17 0.72
C ASP A 331 -29.99 1.01 0.42
N ALA A 332 -31.21 0.74 -0.09
CA ALA A 332 -32.14 1.80 -0.45
C ALA A 332 -32.64 2.59 0.77
N VAL A 333 -32.50 2.08 1.98
CA VAL A 333 -32.85 2.87 3.16
C VAL A 333 -31.62 3.22 4.00
N GLY A 334 -30.43 3.08 3.44
CA GLY A 334 -29.20 3.55 4.10
C GLY A 334 -28.62 2.58 5.10
N ILE A 335 -28.94 1.30 4.97
CA ILE A 335 -28.37 0.24 5.82
C ILE A 335 -27.52 -0.59 4.91
N THR A 336 -26.22 -0.66 5.19
N THR A 336 -26.19 -0.61 5.14
CA THR A 336 -25.31 -1.38 4.30
CA THR A 336 -25.34 -1.39 4.22
C THR A 336 -24.93 -2.73 4.89
C THR A 336 -24.95 -2.71 4.87
N VAL A 337 -25.21 -3.80 4.14
CA VAL A 337 -24.81 -5.15 4.51
C VAL A 337 -24.18 -5.77 3.27
N ASN A 338 -23.70 -7.03 3.33
CA ASN A 338 -23.36 -7.64 2.04
C ASN A 338 -23.94 -9.05 1.99
N LYS A 339 -24.31 -9.45 0.77
CA LYS A 339 -24.83 -10.81 0.58
C LYS A 339 -23.73 -11.81 0.84
N ASN A 340 -24.13 -13.03 1.22
CA ASN A 340 -23.13 -14.02 1.58
C ASN A 340 -23.77 -15.38 1.44
N ALA A 341 -23.07 -16.31 0.82
CA ALA A 341 -23.61 -17.67 0.71
C ALA A 341 -23.80 -18.32 2.10
N ILE A 342 -24.85 -19.12 2.23
CA ILE A 342 -25.00 -19.95 3.42
C ILE A 342 -24.37 -21.28 3.05
N PRO A 343 -24.06 -22.12 4.02
CA PRO A 343 -23.39 -23.38 3.68
C PRO A 343 -24.23 -24.13 2.66
N PHE A 344 -23.61 -24.54 1.53
CA PHE A 344 -24.27 -25.36 0.49
C PHE A 344 -25.49 -24.62 -0.04
N ASP A 345 -25.31 -23.35 -0.26
CA ASP A 345 -26.40 -22.47 -0.68
C ASP A 345 -27.07 -23.07 -1.93
N PRO A 346 -28.41 -23.20 -1.94
CA PRO A 346 -29.10 -23.61 -3.19
C PRO A 346 -29.07 -22.57 -4.31
N LYS A 347 -28.76 -21.22 -4.00
CA LYS A 347 -28.67 -20.19 -5.04
C LYS A 347 -27.23 -20.03 -5.54
N PRO A 348 -27.05 -19.65 -6.79
CA PRO A 348 -25.68 -19.36 -7.31
C PRO A 348 -25.01 -18.22 -6.55
N PRO A 349 -23.67 -18.12 -6.61
CA PRO A 349 -22.98 -17.16 -5.74
C PRO A 349 -23.21 -15.69 -6.07
N ARG A 350 -23.67 -15.31 -7.28
CA ARG A 350 -24.02 -13.90 -7.48
C ARG A 350 -25.38 -13.58 -6.90
N VAL A 351 -26.09 -14.57 -6.33
CA VAL A 351 -27.43 -14.33 -5.79
C VAL A 351 -27.42 -14.59 -4.28
N THR A 352 -27.15 -15.84 -3.85
CA THR A 352 -26.99 -16.35 -2.46
C THR A 352 -28.32 -16.33 -1.72
N SER A 353 -28.38 -17.03 -0.57
CA SER A 353 -29.56 -17.00 0.29
C SER A 353 -29.26 -16.31 1.62
N GLY A 354 -28.18 -15.51 1.73
CA GLY A 354 -27.91 -14.96 3.05
C GLY A 354 -27.29 -13.59 2.99
N ILE A 355 -27.14 -12.99 4.18
CA ILE A 355 -26.37 -11.75 4.29
C ILE A 355 -25.45 -11.87 5.49
N ARG A 356 -24.36 -11.13 5.45
CA ARG A 356 -23.42 -11.06 6.57
C ARG A 356 -23.58 -9.67 7.22
N ILE A 357 -23.67 -9.65 8.55
CA ILE A 357 -23.81 -8.43 9.32
C ILE A 357 -22.70 -8.44 10.38
N GLY A 358 -22.09 -7.28 10.63
CA GLY A 358 -21.13 -7.15 11.71
C GLY A 358 -21.39 -5.87 12.47
N THR A 359 -21.01 -5.87 13.75
CA THR A 359 -21.24 -4.73 14.63
C THR A 359 -20.05 -3.82 14.93
N PRO A 360 -18.81 -4.01 14.45
CA PRO A 360 -17.75 -3.10 14.94
C PRO A 360 -18.06 -1.62 14.66
N ALA A 361 -18.54 -1.31 13.44
CA ALA A 361 -18.69 0.09 13.05
C ALA A 361 -19.77 0.77 13.90
N ILE A 362 -20.94 0.12 14.05
CA ILE A 362 -21.99 0.82 14.84
C ILE A 362 -21.62 0.85 16.31
N THR A 363 -20.80 -0.13 16.80
CA THR A 363 -20.40 -0.06 18.20
C THR A 363 -19.47 1.15 18.42
N THR A 364 -18.60 1.42 17.46
CA THR A 364 -17.75 2.61 17.53
C THR A 364 -18.59 3.89 17.63
N ARG A 365 -19.76 3.90 16.99
CA ARG A 365 -20.68 5.06 17.05
C ARG A 365 -21.55 5.04 18.30
N GLY A 366 -21.29 4.17 19.26
CA GLY A 366 -21.99 4.26 20.52
C GLY A 366 -23.28 3.46 20.63
N PHE A 367 -23.60 2.64 19.65
CA PHE A 367 -24.73 1.73 19.81
C PHE A 367 -24.47 0.72 20.90
N THR A 368 -25.53 0.41 21.68
CA THR A 368 -25.41 -0.50 22.81
C THR A 368 -26.42 -1.61 22.67
N PRO A 369 -26.26 -2.68 23.45
CA PRO A 369 -27.13 -3.86 23.23
C PRO A 369 -28.60 -3.56 23.37
N GLU A 370 -29.00 -2.58 24.22
CA GLU A 370 -30.44 -2.28 24.31
C GLU A 370 -31.00 -1.59 23.09
N GLU A 371 -30.18 -1.10 22.16
CA GLU A 371 -30.68 -0.57 20.93
C GLU A 371 -30.74 -1.60 19.82
N MET A 372 -30.22 -2.80 20.03
CA MET A 372 -30.28 -3.78 18.94
C MET A 372 -31.71 -4.20 18.59
N PRO A 373 -32.70 -4.28 19.50
CA PRO A 373 -34.09 -4.52 19.01
C PRO A 373 -34.53 -3.54 17.97
N LEU A 374 -34.17 -2.26 18.13
CA LEU A 374 -34.61 -1.26 17.17
C LEU A 374 -33.91 -1.44 15.81
N VAL A 375 -32.62 -1.77 15.83
CA VAL A 375 -31.95 -2.03 14.56
C VAL A 375 -32.56 -3.23 13.87
N ALA A 376 -32.88 -4.29 14.64
CA ALA A 376 -33.47 -5.50 14.05
C ALA A 376 -34.82 -5.19 13.42
N GLU A 377 -35.59 -4.32 14.07
CA GLU A 377 -36.90 -3.93 13.53
C GLU A 377 -36.77 -3.18 12.20
N LEU A 378 -35.79 -2.25 12.11
CA LEU A 378 -35.58 -1.50 10.87
C LEU A 378 -35.14 -2.41 9.73
N ILE A 379 -34.26 -3.39 10.01
CA ILE A 379 -33.87 -4.34 8.99
C ILE A 379 -35.08 -5.13 8.49
N ASP A 380 -35.83 -5.65 9.43
CA ASP A 380 -36.98 -6.48 9.08
C ASP A 380 -37.99 -5.69 8.23
N ARG A 381 -38.29 -4.49 8.67
CA ARG A 381 -39.24 -3.66 7.92
C ARG A 381 -38.75 -3.39 6.51
N ALA A 382 -37.46 -3.09 6.36
CA ALA A 382 -36.96 -2.83 5.02
C ALA A 382 -37.07 -4.07 4.16
N LEU A 383 -36.79 -5.25 4.72
CA LEU A 383 -36.87 -6.46 3.92
C LEU A 383 -38.32 -6.81 3.59
N LEU A 384 -39.25 -6.56 4.53
CA LEU A 384 -40.65 -6.99 4.30
C LEU A 384 -41.46 -5.94 3.57
N GLU A 385 -41.39 -4.69 4.04
CA GLU A 385 -42.13 -3.61 3.37
C GLU A 385 -41.42 -3.05 2.15
N GLY A 386 -40.11 -3.19 2.05
CA GLY A 386 -39.40 -2.56 0.96
C GLY A 386 -39.02 -1.13 1.32
N PRO A 387 -38.20 -0.51 0.49
CA PRO A 387 -37.77 0.88 0.75
C PRO A 387 -38.93 1.87 0.77
N SER A 388 -38.84 2.85 1.65
CA SER A 388 -39.80 3.94 1.61
C SER A 388 -39.08 5.17 2.10
N GLU A 389 -39.60 6.32 1.71
CA GLU A 389 -39.01 7.56 2.17
C GLU A 389 -39.08 7.65 3.68
N ALA A 390 -40.19 7.21 4.27
CA ALA A 390 -40.31 7.32 5.72
C ALA A 390 -39.29 6.43 6.46
N LEU A 391 -39.09 5.22 5.97
CA LEU A 391 -38.10 4.32 6.57
C LEU A 391 -36.68 4.90 6.43
N ARG A 392 -36.37 5.49 5.27
CA ARG A 392 -35.04 6.11 5.12
C ARG A 392 -34.84 7.20 6.17
N GLU A 393 -35.90 7.97 6.43
CA GLU A 393 -35.75 9.06 7.38
C GLU A 393 -35.62 8.54 8.80
N GLU A 394 -36.27 7.44 9.13
CA GLU A 394 -36.05 6.91 10.47
C GLU A 394 -34.62 6.38 10.67
N VAL A 395 -34.06 5.72 9.64
CA VAL A 395 -32.65 5.29 9.70
C VAL A 395 -31.71 6.50 9.87
N ARG A 396 -31.94 7.53 9.07
CA ARG A 396 -31.11 8.72 9.11
C ARG A 396 -31.16 9.39 10.49
N ARG A 397 -32.36 9.52 11.09
CA ARG A 397 -32.42 10.10 12.44
C ARG A 397 -31.70 9.25 13.47
N LEU A 398 -31.85 7.92 13.38
CA LEU A 398 -31.16 7.03 14.33
C LEU A 398 -29.64 7.16 14.17
N ALA A 399 -29.18 7.24 12.91
CA ALA A 399 -27.74 7.36 12.64
C ALA A 399 -27.21 8.68 13.21
N LEU A 400 -27.90 9.79 12.90
CA LEU A 400 -27.39 11.10 13.30
C LEU A 400 -27.34 11.26 14.82
N ALA A 401 -28.20 10.55 15.55
CA ALA A 401 -28.20 10.57 17.00
C ALA A 401 -27.03 9.83 17.59
N HIS A 402 -26.22 9.15 16.77
CA HIS A 402 -25.05 8.46 17.29
C HIS A 402 -23.78 8.99 16.64
N PRO A 403 -22.98 9.77 17.34
CA PRO A 403 -21.89 10.51 16.69
C PRO A 403 -20.81 9.61 16.09
N MET A 404 -20.12 10.13 15.03
CA MET A 404 -18.94 9.47 14.51
C MET A 404 -17.72 10.04 15.24
N PRO A 405 -16.59 9.31 15.31
CA PRO A 405 -15.38 9.75 16.07
C PRO A 405 -14.75 11.08 15.65
N LYS B 4 -7.92 9.51 24.97
CA LYS B 4 -6.53 9.78 25.43
C LYS B 4 -5.59 10.00 24.23
N ARG B 5 -4.84 11.10 24.17
CA ARG B 5 -4.01 11.39 23.00
C ARG B 5 -2.66 10.70 23.13
N ASP B 6 -2.15 10.20 22.00
CA ASP B 6 -0.88 9.50 21.94
C ASP B 6 0.25 10.51 21.87
N GLU B 7 0.55 11.13 23.02
N GLU B 7 0.54 11.13 23.03
CA GLU B 7 1.47 12.27 23.00
CA GLU B 7 1.45 12.26 23.05
C GLU B 7 2.86 11.86 22.55
C GLU B 7 2.86 11.87 22.58
N ALA B 8 3.31 10.66 22.92
CA ALA B 8 4.66 10.24 22.53
C ALA B 8 4.80 10.17 21.00
N LEU B 9 3.78 9.62 20.33
CA LEU B 9 3.88 9.52 18.86
C LEU B 9 3.82 10.91 18.23
N PHE B 10 2.96 11.79 18.73
CA PHE B 10 2.88 13.11 18.12
C PHE B 10 4.12 13.94 18.41
N GLU B 11 4.81 13.67 19.52
CA GLU B 11 6.10 14.34 19.71
C GLU B 11 7.12 13.92 18.65
N LEU B 12 7.12 12.64 18.24
CA LEU B 12 8.00 12.20 17.17
C LEU B 12 7.63 12.82 15.84
N ILE B 13 6.32 12.99 15.55
CA ILE B 13 5.95 13.64 14.30
C ILE B 13 6.47 15.08 14.30
N ALA B 14 6.35 15.78 15.43
CA ALA B 14 6.85 17.16 15.49
C ALA B 14 8.37 17.18 15.27
N LEU B 15 9.09 16.20 15.81
CA LEU B 15 10.54 16.14 15.61
C LEU B 15 10.89 15.91 14.14
N GLU B 16 10.12 15.06 13.45
CA GLU B 16 10.34 14.87 12.02
C GLU B 16 10.01 16.13 11.22
N GLU B 17 8.93 16.87 11.58
CA GLU B 17 8.66 18.15 10.91
C GLU B 17 9.85 19.09 11.06
N LYS B 18 10.40 19.15 12.26
CA LYS B 18 11.55 20.02 12.52
C LYS B 18 12.77 19.58 11.71
N ARG B 19 13.02 18.26 11.63
CA ARG B 19 14.13 17.74 10.85
C ARG B 19 13.99 18.15 9.38
N GLN B 20 12.78 17.98 8.83
CA GLN B 20 12.55 18.33 7.43
C GLN B 20 12.78 19.82 7.22
N ARG B 21 12.34 20.64 8.19
CA ARG B 21 12.45 22.11 8.02
C ARG B 21 13.90 22.59 8.12
N GLU B 22 14.71 21.94 8.95
CA GLU B 22 16.04 22.47 9.31
C GLU B 22 17.17 21.87 8.46
N GLY B 23 16.88 21.04 7.45
CA GLY B 23 17.93 20.35 6.73
C GLY B 23 17.74 20.67 5.24
N LEU B 24 18.70 20.25 4.46
CA LEU B 24 18.62 20.36 3.00
C LEU B 24 18.44 18.95 2.47
N GLU B 25 17.24 18.68 1.94
CA GLU B 25 16.90 17.33 1.48
C GLU B 25 17.28 17.24 0.01
N LEU B 26 18.37 16.53 -0.30
CA LEU B 26 18.82 16.37 -1.68
C LEU B 26 18.67 14.94 -2.18
N ILE B 27 17.84 14.12 -1.52
CA ILE B 27 17.58 12.78 -2.10
C ILE B 27 16.64 12.93 -3.27
N ALA B 28 17.04 12.37 -4.42
CA ALA B 28 16.35 12.69 -5.67
C ALA B 28 14.92 12.17 -5.75
N SER B 29 14.58 11.16 -4.94
CA SER B 29 13.22 10.60 -4.95
C SER B 29 12.29 11.31 -3.96
N GLU B 30 12.74 12.32 -3.24
N GLU B 30 12.78 12.31 -3.21
CA GLU B 30 11.85 12.90 -2.23
CA GLU B 30 12.01 13.00 -2.17
C GLU B 30 11.28 14.24 -2.67
C GLU B 30 11.20 14.16 -2.77
N ASN B 31 10.19 14.63 -2.01
CA ASN B 31 9.55 15.91 -2.34
C ASN B 31 8.74 16.25 -1.11
N PHE B 32 8.10 17.43 -1.10
CA PHE B 32 7.25 17.84 0.03
C PHE B 32 5.85 18.06 -0.54
N VAL B 33 4.85 17.28 -0.03
CA VAL B 33 3.50 17.42 -0.60
C VAL B 33 2.79 18.61 0.04
N SER B 34 1.77 19.07 -0.65
CA SER B 34 1.03 20.27 -0.25
C SER B 34 0.08 19.94 0.91
N LYS B 35 -0.36 21.00 1.60
CA LYS B 35 -1.31 20.78 2.69
C LYS B 35 -2.58 20.11 2.21
N GLN B 36 -3.04 20.45 1.01
CA GLN B 36 -4.30 19.84 0.55
C GLN B 36 -4.15 18.39 0.14
N VAL B 37 -2.97 17.98 -0.34
CA VAL B 37 -2.75 16.54 -0.53
C VAL B 37 -2.86 15.82 0.81
N ARG B 38 -2.21 16.37 1.82
CA ARG B 38 -2.28 15.78 3.16
C ARG B 38 -3.71 15.73 3.71
N GLU B 39 -4.45 16.79 3.47
CA GLU B 39 -5.84 16.83 3.94
C GLU B 39 -6.68 15.70 3.34
N ALA B 40 -6.51 15.42 2.03
CA ALA B 40 -7.24 14.33 1.39
C ALA B 40 -6.77 12.99 1.95
N VAL B 41 -5.46 12.82 2.18
CA VAL B 41 -4.97 11.50 2.65
C VAL B 41 -5.41 11.25 4.08
N GLY B 42 -5.54 12.31 4.88
CA GLY B 42 -6.03 12.26 6.26
C GLY B 42 -7.55 12.18 6.35
N SER B 43 -8.26 11.91 5.27
CA SER B 43 -9.73 12.05 5.32
C SER B 43 -10.43 10.76 5.77
N VAL B 44 -11.79 10.84 5.91
CA VAL B 44 -12.58 9.66 6.31
C VAL B 44 -12.74 8.66 5.20
N LEU B 45 -12.18 8.92 4.01
CA LEU B 45 -12.30 7.89 2.97
C LEU B 45 -11.61 6.60 3.31
N THR B 46 -10.71 6.60 4.31
CA THR B 46 -10.10 5.35 4.74
C THR B 46 -11.14 4.39 5.34
N ASN B 47 -12.29 4.92 5.73
CA ASN B 47 -13.22 4.03 6.43
C ASN B 47 -13.98 3.11 5.51
N LYS B 48 -13.91 3.25 4.17
CA LYS B 48 -14.83 2.53 3.30
C LYS B 48 -14.07 1.48 2.47
N TYR B 49 -14.51 0.22 2.57
CA TYR B 49 -13.97 -0.84 1.71
C TYR B 49 -14.57 -0.68 0.32
N ALA B 50 -13.73 -0.58 -0.71
CA ALA B 50 -14.21 -0.31 -2.08
C ALA B 50 -13.57 -1.30 -3.04
N GLU B 51 -13.56 -2.59 -2.67
CA GLU B 51 -13.06 -3.62 -3.62
C GLU B 51 -13.83 -3.60 -4.95
N GLY B 52 -13.08 -3.74 -6.04
CA GLY B 52 -13.65 -3.63 -7.39
C GLY B 52 -13.25 -2.31 -8.01
N TYR B 53 -14.04 -1.85 -8.97
CA TYR B 53 -13.76 -0.63 -9.74
C TYR B 53 -15.02 0.24 -9.78
N PRO B 54 -14.91 1.51 -10.14
CA PRO B 54 -16.09 2.38 -10.15
C PRO B 54 -17.23 1.79 -10.98
N GLY B 55 -18.44 1.76 -10.35
CA GLY B 55 -19.64 1.13 -10.94
C GLY B 55 -19.63 -0.36 -11.04
N ALA B 56 -18.63 -1.04 -10.46
CA ALA B 56 -18.53 -2.47 -10.41
C ALA B 56 -17.85 -2.86 -9.10
N ARG B 57 -18.44 -2.44 -7.98
CA ARG B 57 -17.84 -2.73 -6.66
C ARG B 57 -18.49 -3.98 -6.07
N TYR B 58 -17.75 -4.63 -5.17
CA TYR B 58 -18.31 -5.75 -4.42
C TYR B 58 -19.45 -5.29 -3.50
N TYR B 59 -19.30 -4.16 -2.86
N TYR B 59 -19.25 -4.19 -2.81
CA TYR B 59 -20.23 -3.75 -1.80
CA TYR B 59 -20.12 -3.63 -1.77
C TYR B 59 -20.95 -2.45 -2.15
C TYR B 59 -21.05 -2.54 -2.32
N GLY B 60 -22.15 -2.27 -1.58
CA GLY B 60 -22.90 -1.03 -1.78
C GLY B 60 -22.26 0.16 -0.98
N GLY B 61 -22.83 1.34 -1.16
CA GLY B 61 -22.38 2.51 -0.41
C GLY B 61 -21.20 3.22 -1.04
N CYS B 62 -20.81 2.86 -2.29
CA CYS B 62 -19.60 3.44 -2.89
C CYS B 62 -19.95 4.55 -3.88
N GLU B 63 -21.18 5.09 -3.86
CA GLU B 63 -21.53 6.02 -4.94
C GLU B 63 -20.63 7.27 -4.92
N VAL B 64 -20.21 7.74 -3.74
CA VAL B 64 -19.33 8.92 -3.72
C VAL B 64 -17.88 8.54 -3.98
N ILE B 65 -17.42 7.45 -3.35
CA ILE B 65 -16.07 6.90 -3.65
C ILE B 65 -15.89 6.68 -5.16
N ASP B 66 -16.95 6.20 -5.87
CA ASP B 66 -16.77 6.01 -7.30
C ASP B 66 -16.48 7.31 -8.00
N ARG B 67 -17.14 8.39 -7.60
CA ARG B 67 -16.83 9.71 -8.21
C ARG B 67 -15.42 10.17 -7.89
N VAL B 68 -14.90 9.84 -6.70
CA VAL B 68 -13.54 10.25 -6.36
C VAL B 68 -12.55 9.47 -7.23
N GLU B 69 -12.70 8.15 -7.26
CA GLU B 69 -11.76 7.33 -8.03
C GLU B 69 -11.85 7.66 -9.51
N SER B 70 -13.08 7.88 -10.00
CA SER B 70 -13.21 8.20 -11.43
CA SER B 70 -13.21 8.20 -11.43
C SER B 70 -12.55 9.55 -11.76
N LEU B 71 -12.66 10.53 -10.85
CA LEU B 71 -12.01 11.83 -11.05
C LEU B 71 -10.47 11.67 -11.11
N ALA B 72 -9.90 10.87 -10.21
CA ALA B 72 -8.45 10.61 -10.32
C ALA B 72 -8.11 9.92 -11.65
N ILE B 73 -8.90 8.93 -12.07
CA ILE B 73 -8.62 8.24 -13.33
C ILE B 73 -8.69 9.21 -14.50
N GLU B 74 -9.75 10.01 -14.59
CA GLU B 74 -9.89 10.92 -15.76
C GLU B 74 -8.84 12.03 -15.74
N ARG B 75 -8.45 12.54 -14.56
CA ARG B 75 -7.37 13.52 -14.54
C ARG B 75 -6.03 12.93 -14.94
N ALA B 76 -5.75 11.70 -14.53
CA ALA B 76 -4.49 11.07 -14.95
C ALA B 76 -4.46 10.91 -16.47
N LYS B 77 -5.59 10.48 -17.06
CA LYS B 77 -5.66 10.37 -18.55
C LYS B 77 -5.40 11.72 -19.19
N ALA B 78 -6.02 12.77 -18.65
CA ALA B 78 -5.88 14.10 -19.24
C ALA B 78 -4.48 14.62 -19.09
N LEU B 79 -3.86 14.39 -17.93
CA LEU B 79 -2.53 14.90 -17.66
C LEU B 79 -1.47 14.28 -18.58
N PHE B 80 -1.54 12.96 -18.84
CA PHE B 80 -0.51 12.24 -19.57
C PHE B 80 -0.91 11.88 -20.97
N GLY B 81 -2.15 12.12 -21.35
CA GLY B 81 -2.57 11.78 -22.71
C GLY B 81 -2.82 10.29 -22.88
N ALA B 82 -3.36 9.62 -21.89
CA ALA B 82 -3.53 8.18 -21.92
C ALA B 82 -4.98 7.83 -22.16
N ALA B 83 -5.21 6.66 -22.76
CA ALA B 83 -6.58 6.20 -22.98
C ALA B 83 -7.15 5.45 -21.78
N TRP B 84 -6.30 5.01 -20.86
CA TRP B 84 -6.73 4.16 -19.73
C TRP B 84 -5.76 4.43 -18.57
N ALA B 85 -6.29 4.40 -17.36
CA ALA B 85 -5.42 4.53 -16.20
C ALA B 85 -5.96 3.61 -15.12
N ASN B 86 -5.06 3.16 -14.22
CA ASN B 86 -5.47 2.45 -13.00
C ASN B 86 -4.78 3.18 -11.83
N VAL B 87 -5.60 3.72 -10.91
CA VAL B 87 -5.06 4.53 -9.80
C VAL B 87 -5.02 3.75 -8.48
N GLN B 88 -5.34 2.45 -8.50
CA GLN B 88 -5.33 1.66 -7.24
C GLN B 88 -3.97 1.15 -6.74
N PRO B 89 -2.86 1.07 -7.52
CA PRO B 89 -1.68 0.43 -6.93
C PRO B 89 -1.21 1.14 -5.66
N HIS B 90 -0.88 0.34 -4.66
CA HIS B 90 -0.49 0.92 -3.37
C HIS B 90 0.90 1.58 -3.46
N SER B 91 1.72 1.22 -4.45
CA SER B 91 3.10 1.72 -4.50
C SER B 91 3.58 1.54 -5.94
N GLY B 92 4.77 2.08 -6.25
CA GLY B 92 5.35 1.83 -7.57
C GLY B 92 5.70 0.36 -7.72
N SER B 93 6.06 -0.29 -6.63
CA SER B 93 6.40 -1.71 -6.72
C SER B 93 5.19 -2.55 -7.10
N GLN B 94 4.03 -2.24 -6.51
CA GLN B 94 2.81 -3.00 -6.83
C GLN B 94 2.36 -2.71 -8.27
N ALA B 95 2.53 -1.45 -8.75
CA ALA B 95 2.24 -1.15 -10.15
C ALA B 95 3.05 -2.04 -11.09
N ASN B 96 4.35 -2.15 -10.84
CA ASN B 96 5.19 -3.00 -11.70
C ASN B 96 4.81 -4.47 -11.52
N MET B 97 4.57 -4.90 -10.28
CA MET B 97 4.21 -6.30 -10.07
C MET B 97 2.97 -6.69 -10.89
N ALA B 98 1.93 -5.85 -10.88
CA ALA B 98 0.71 -6.21 -11.59
C ALA B 98 0.95 -6.30 -13.10
N VAL B 99 1.75 -5.38 -13.63
CA VAL B 99 2.04 -5.37 -15.06
C VAL B 99 2.81 -6.62 -15.44
N TYR B 100 3.87 -6.95 -14.69
CA TYR B 100 4.63 -8.15 -15.02
C TYR B 100 3.73 -9.39 -15.00
N MET B 101 2.88 -9.52 -13.97
CA MET B 101 2.06 -10.73 -13.87
C MET B 101 0.96 -10.78 -14.90
N ALA B 102 0.58 -9.65 -15.46
CA ALA B 102 -0.40 -9.62 -16.52
C ALA B 102 0.23 -10.01 -17.86
N LEU B 103 1.50 -9.70 -18.05
CA LEU B 103 2.09 -9.89 -19.38
C LEU B 103 2.95 -11.14 -19.47
N MET B 104 3.36 -11.70 -18.33
CA MET B 104 4.35 -12.78 -18.30
C MET B 104 3.85 -13.92 -17.43
N GLU B 105 4.42 -15.07 -17.68
CA GLU B 105 4.31 -16.23 -16.78
C GLU B 105 5.63 -16.43 -16.08
N PRO B 106 5.61 -17.06 -14.90
CA PRO B 106 6.86 -17.31 -14.21
C PRO B 106 7.76 -18.11 -15.12
N GLY B 107 9.03 -17.69 -15.14
CA GLY B 107 10.05 -18.27 -15.99
C GLY B 107 10.22 -17.60 -17.32
N ASP B 108 9.33 -16.66 -17.72
CA ASP B 108 9.58 -15.87 -18.93
C ASP B 108 10.79 -14.96 -18.71
N THR B 109 11.31 -14.39 -19.81
CA THR B 109 12.49 -13.51 -19.72
C THR B 109 12.09 -12.05 -19.66
N LEU B 110 12.64 -11.34 -18.67
CA LEU B 110 12.43 -9.90 -18.48
C LEU B 110 13.76 -9.21 -18.78
N MET B 111 13.74 -8.11 -19.56
CA MET B 111 14.99 -7.35 -19.77
C MET B 111 14.85 -5.97 -19.12
N GLY B 112 15.83 -5.59 -18.28
CA GLY B 112 15.75 -4.33 -17.58
C GLY B 112 17.13 -3.72 -17.42
N MET B 113 17.17 -2.47 -16.98
CA MET B 113 18.48 -1.86 -16.77
C MET B 113 19.14 -2.37 -15.50
N ASP B 114 20.45 -2.66 -15.60
CA ASP B 114 21.24 -3.26 -14.52
C ASP B 114 21.16 -2.35 -13.29
N LEU B 115 20.97 -2.97 -12.10
CA LEU B 115 20.96 -2.16 -10.88
C LEU B 115 22.23 -1.30 -10.74
N ALA B 116 23.39 -1.85 -11.09
CA ALA B 116 24.64 -1.12 -10.98
C ALA B 116 24.74 0.03 -11.99
N ALA B 117 23.92 0.04 -13.03
CA ALA B 117 23.91 1.11 -14.01
C ALA B 117 22.81 2.14 -13.75
N GLY B 118 21.98 1.92 -12.74
CA GLY B 118 20.90 2.85 -12.43
C GLY B 118 19.52 2.23 -12.46
N GLY B 119 19.34 0.93 -12.78
CA GLY B 119 17.99 0.37 -12.73
C GLY B 119 17.43 0.29 -11.31
N HIS B 120 16.13 0.11 -11.22
CA HIS B 120 15.44 -0.05 -9.93
C HIS B 120 15.43 -1.53 -9.54
N LEU B 121 15.31 -1.77 -8.21
CA LEU B 121 15.16 -3.15 -7.68
C LEU B 121 14.15 -3.97 -8.48
N THR B 122 13.03 -3.34 -8.90
CA THR B 122 11.95 -4.11 -9.53
C THR B 122 12.18 -4.30 -11.04
N HIS B 123 13.37 -3.91 -11.51
CA HIS B 123 13.73 -4.15 -12.90
C HIS B 123 14.58 -5.40 -13.07
N GLY B 124 14.57 -6.30 -12.07
CA GLY B 124 15.17 -7.61 -12.21
C GLY B 124 16.16 -8.02 -11.14
N SER B 125 16.23 -7.30 -10.03
CA SER B 125 17.19 -7.73 -9.01
C SER B 125 16.86 -9.13 -8.49
N ARG B 126 17.90 -9.93 -8.18
CA ARG B 126 17.65 -11.32 -7.78
C ARG B 126 17.06 -11.40 -6.36
N VAL B 127 17.20 -10.36 -5.51
CA VAL B 127 16.55 -10.42 -4.21
C VAL B 127 15.14 -9.85 -4.24
N ASN B 128 14.66 -9.45 -5.42
CA ASN B 128 13.32 -8.88 -5.60
C ASN B 128 12.44 -9.89 -6.32
N PHE B 129 11.10 -9.72 -6.21
CA PHE B 129 10.24 -10.69 -6.90
C PHE B 129 10.57 -10.74 -8.40
N SER B 130 11.04 -9.61 -8.95
CA SER B 130 11.25 -9.53 -10.41
C SER B 130 12.32 -10.51 -10.84
N GLY B 131 13.35 -10.67 -10.01
CA GLY B 131 14.42 -11.58 -10.41
C GLY B 131 14.25 -12.96 -9.81
N LYS B 132 13.26 -13.15 -8.94
CA LYS B 132 12.94 -14.47 -8.40
C LYS B 132 11.97 -15.22 -9.29
N LEU B 133 10.95 -14.53 -9.87
CA LEU B 133 9.95 -15.22 -10.66
C LEU B 133 10.33 -15.34 -12.16
N TYR B 134 11.18 -14.43 -12.69
CA TYR B 134 11.47 -14.32 -14.12
C TYR B 134 12.96 -14.52 -14.34
N LYS B 135 13.33 -14.96 -15.53
CA LYS B 135 14.73 -14.99 -15.95
C LYS B 135 15.12 -13.58 -16.40
N VAL B 136 16.18 -13.01 -15.85
CA VAL B 136 16.48 -11.59 -16.10
C VAL B 136 17.71 -11.42 -16.98
N VAL B 137 17.61 -10.52 -17.96
CA VAL B 137 18.78 -10.11 -18.74
C VAL B 137 18.90 -8.60 -18.56
N SER B 138 20.08 -8.09 -18.28
CA SER B 138 20.20 -6.66 -18.02
C SER B 138 21.06 -5.95 -19.03
N TYR B 139 20.70 -4.71 -19.33
CA TYR B 139 21.55 -3.81 -20.09
C TYR B 139 22.12 -2.70 -19.19
N GLY B 140 23.21 -2.14 -19.63
CA GLY B 140 23.93 -1.16 -18.86
C GLY B 140 24.19 0.08 -19.70
N VAL B 141 25.29 0.77 -19.37
CA VAL B 141 25.71 1.94 -20.11
C VAL B 141 27.13 1.68 -20.62
N ARG B 142 27.53 2.48 -21.60
CA ARG B 142 28.92 2.41 -22.13
C ARG B 142 29.95 2.92 -21.13
N PRO B 143 31.14 2.30 -21.05
CA PRO B 143 32.16 2.76 -20.07
C PRO B 143 32.76 4.12 -20.36
N ASP B 144 32.64 4.62 -21.59
CA ASP B 144 33.24 5.88 -22.01
C ASP B 144 32.28 7.06 -21.90
N THR B 145 31.10 6.99 -22.55
CA THR B 145 30.13 8.07 -22.43
C THR B 145 29.19 7.93 -21.23
N GLU B 146 29.11 6.75 -20.63
CA GLU B 146 28.16 6.46 -19.54
C GLU B 146 26.71 6.63 -19.99
N LEU B 147 26.46 6.62 -21.28
CA LEU B 147 25.12 6.64 -21.85
C LEU B 147 24.68 5.21 -22.22
N ILE B 148 23.38 5.03 -22.29
CA ILE B 148 22.83 3.78 -22.81
C ILE B 148 23.24 3.61 -24.28
N ASP B 149 23.67 2.39 -24.65
CA ASP B 149 24.04 2.10 -26.03
C ASP B 149 22.90 1.31 -26.66
N LEU B 150 22.15 1.94 -27.58
CA LEU B 150 20.97 1.28 -28.11
C LEU B 150 21.35 0.06 -28.96
N GLU B 151 22.58 0.03 -29.51
CA GLU B 151 23.04 -1.16 -30.27
C GLU B 151 23.24 -2.35 -29.37
N GLU B 152 23.78 -2.12 -28.18
CA GLU B 152 23.89 -3.16 -27.19
C GLU B 152 22.51 -3.66 -26.71
N VAL B 153 21.56 -2.74 -26.47
CA VAL B 153 20.21 -3.15 -26.07
C VAL B 153 19.62 -4.05 -27.16
N ARG B 154 19.76 -3.61 -28.41
CA ARG B 154 19.18 -4.36 -29.52
C ARG B 154 19.81 -5.76 -29.64
N ARG B 155 21.15 -5.85 -29.50
CA ARG B 155 21.85 -7.13 -29.54
C ARG B 155 21.36 -8.08 -28.45
N LEU B 156 21.24 -7.58 -27.22
CA LEU B 156 20.79 -8.43 -26.15
C LEU B 156 19.35 -8.87 -26.38
N ALA B 157 18.50 -7.98 -26.93
CA ALA B 157 17.12 -8.40 -27.17
C ALA B 157 17.08 -9.47 -28.24
N LEU B 158 17.85 -9.32 -29.31
CA LEU B 158 17.80 -10.37 -30.35
C LEU B 158 18.32 -11.70 -29.81
N GLU B 159 19.35 -11.64 -28.98
CA GLU B 159 19.95 -12.87 -28.49
C GLU B 159 19.06 -13.58 -27.49
N HIS B 160 18.42 -12.84 -26.57
CA HIS B 160 17.70 -13.48 -25.46
C HIS B 160 16.17 -13.50 -25.62
N ARG B 161 15.61 -12.73 -26.56
CA ARG B 161 14.18 -12.72 -26.87
C ARG B 161 13.33 -12.54 -25.60
N PRO B 162 13.50 -11.43 -24.90
CA PRO B 162 12.67 -11.15 -23.75
C PRO B 162 11.22 -11.03 -24.16
N LYS B 163 10.36 -11.33 -23.18
CA LYS B 163 8.93 -11.11 -23.35
C LYS B 163 8.57 -9.65 -23.02
N VAL B 164 9.28 -9.06 -22.04
CA VAL B 164 9.05 -7.69 -21.62
C VAL B 164 10.40 -6.98 -21.58
N ILE B 165 10.47 -5.78 -22.13
CA ILE B 165 11.67 -4.93 -22.00
C ILE B 165 11.21 -3.73 -21.15
N VAL B 166 11.96 -3.40 -20.11
CA VAL B 166 11.64 -2.24 -19.26
C VAL B 166 12.63 -1.14 -19.56
N ALA B 167 12.09 0.07 -19.81
CA ALA B 167 12.89 1.27 -19.92
C ALA B 167 12.53 2.21 -18.76
N GLY B 168 13.47 3.04 -18.35
CA GLY B 168 13.22 3.77 -17.11
C GLY B 168 14.12 3.24 -16.00
N ALA B 169 14.40 4.12 -15.02
CA ALA B 169 15.46 3.76 -14.10
C ALA B 169 15.30 4.69 -12.90
N SER B 170 16.03 4.39 -11.85
N SER B 170 16.03 4.35 -11.85
CA SER B 170 15.96 5.28 -10.69
CA SER B 170 16.03 5.16 -10.62
C SER B 170 17.18 6.16 -10.55
C SER B 170 17.16 6.17 -10.58
N ALA B 171 18.23 5.94 -11.34
CA ALA B 171 19.38 6.86 -11.26
C ALA B 171 20.04 7.04 -12.61
N TYR B 172 19.26 7.36 -13.63
CA TYR B 172 19.89 7.63 -14.95
C TYR B 172 19.63 9.09 -15.28
N PRO B 173 20.66 9.91 -15.48
CA PRO B 173 20.45 11.36 -15.59
C PRO B 173 20.18 11.89 -16.99
N ARG B 174 19.94 11.06 -18.01
CA ARG B 174 19.71 11.63 -19.33
C ARG B 174 18.37 11.16 -19.88
N PHE B 175 17.96 11.81 -20.97
CA PHE B 175 16.71 11.44 -21.64
C PHE B 175 16.78 10.01 -22.22
N TRP B 176 15.59 9.41 -22.39
CA TRP B 176 15.41 8.09 -22.94
C TRP B 176 14.86 8.28 -24.35
N ASP B 177 15.27 7.38 -25.26
CA ASP B 177 14.72 7.43 -26.60
C ASP B 177 13.64 6.34 -26.66
N PHE B 178 12.40 6.72 -26.41
CA PHE B 178 11.37 5.70 -26.31
C PHE B 178 11.02 5.12 -27.68
N LYS B 179 11.12 5.94 -28.72
CA LYS B 179 10.86 5.43 -30.07
C LYS B 179 11.83 4.31 -30.42
N ALA B 180 13.10 4.49 -30.12
CA ALA B 180 14.06 3.42 -30.41
C ALA B 180 13.79 2.18 -29.56
N PHE B 181 13.43 2.37 -28.29
CA PHE B 181 13.15 1.18 -27.48
C PHE B 181 11.95 0.43 -28.03
N ARG B 182 10.94 1.14 -28.51
CA ARG B 182 9.79 0.43 -29.03
C ARG B 182 10.16 -0.32 -30.32
N GLU B 183 10.97 0.31 -31.18
CA GLU B 183 11.46 -0.39 -32.39
C GLU B 183 12.17 -1.68 -32.02
N ILE B 184 13.02 -1.65 -30.99
CA ILE B 184 13.71 -2.85 -30.50
C ILE B 184 12.71 -3.87 -29.99
N ALA B 185 11.73 -3.44 -29.15
CA ALA B 185 10.75 -4.39 -28.68
C ALA B 185 9.99 -5.05 -29.86
N ASP B 186 9.62 -4.26 -30.84
CA ASP B 186 8.90 -4.79 -32.00
C ASP B 186 9.74 -5.81 -32.80
N GLU B 187 11.06 -5.65 -32.85
CA GLU B 187 11.91 -6.61 -33.55
C GLU B 187 11.80 -8.00 -32.98
N VAL B 188 11.53 -8.13 -31.69
CA VAL B 188 11.49 -9.44 -31.04
C VAL B 188 10.12 -9.77 -30.52
N GLY B 189 9.12 -8.96 -30.81
CA GLY B 189 7.80 -9.29 -30.30
C GLY B 189 7.60 -9.06 -28.81
N ALA B 190 8.40 -8.20 -28.19
CA ALA B 190 8.31 -7.96 -26.74
C ALA B 190 7.31 -6.83 -26.48
N TYR B 191 6.79 -6.79 -25.25
CA TYR B 191 6.12 -5.58 -24.78
C TYR B 191 7.16 -4.63 -24.26
N LEU B 192 6.95 -3.32 -24.48
CA LEU B 192 7.78 -2.28 -23.91
C LEU B 192 7.03 -1.69 -22.73
N VAL B 193 7.62 -1.80 -21.54
CA VAL B 193 7.02 -1.21 -20.32
C VAL B 193 7.93 -0.07 -19.99
N VAL B 194 7.39 1.16 -19.77
CA VAL B 194 8.24 2.23 -19.31
C VAL B 194 7.86 2.53 -17.86
N ASP B 195 8.87 2.50 -16.96
CA ASP B 195 8.67 2.86 -15.57
C ASP B 195 9.16 4.31 -15.45
N MET B 196 8.21 5.25 -15.46
CA MET B 196 8.58 6.66 -15.44
C MET B 196 8.51 7.28 -14.05
N ALA B 197 8.48 6.47 -12.97
CA ALA B 197 8.35 6.97 -11.60
C ALA B 197 9.23 8.20 -11.35
N HIS B 198 10.51 8.14 -11.71
CA HIS B 198 11.40 9.26 -11.35
C HIS B 198 11.07 10.53 -12.08
N PHE B 199 10.74 10.46 -13.39
CA PHE B 199 10.59 11.67 -14.19
C PHE B 199 9.15 11.95 -14.58
N ALA B 200 8.16 11.32 -13.89
CA ALA B 200 6.77 11.51 -14.28
C ALA B 200 6.37 12.98 -14.25
N GLY B 201 6.82 13.75 -13.22
CA GLY B 201 6.38 15.13 -13.14
C GLY B 201 6.98 15.94 -14.28
N LEU B 202 8.18 15.59 -14.71
CA LEU B 202 8.76 16.30 -15.88
C LEU B 202 7.99 15.97 -17.15
N VAL B 203 7.53 14.71 -17.29
CA VAL B 203 6.67 14.36 -18.42
C VAL B 203 5.39 15.19 -18.38
N ALA B 204 4.76 15.26 -17.20
CA ALA B 204 3.52 16.02 -17.06
C ALA B 204 3.71 17.49 -17.47
N ALA B 205 4.87 18.07 -17.18
CA ALA B 205 5.16 19.47 -17.46
C ALA B 205 5.69 19.70 -18.85
N GLY B 206 5.85 18.65 -19.65
CA GLY B 206 6.33 18.79 -21.02
C GLY B 206 7.82 18.96 -21.14
N LEU B 207 8.57 18.58 -20.12
CA LEU B 207 10.00 18.82 -20.08
C LEU B 207 10.81 17.55 -20.26
N HIS B 208 10.15 16.44 -20.56
CA HIS B 208 10.81 15.16 -20.76
C HIS B 208 9.95 14.46 -21.81
N PRO B 209 10.54 13.74 -22.74
CA PRO B 209 9.73 13.02 -23.74
C PRO B 209 8.70 12.11 -23.06
N ASN B 210 7.48 12.10 -23.62
CA ASN B 210 6.37 11.33 -23.05
C ASN B 210 6.46 9.90 -23.57
N PRO B 211 6.44 8.87 -22.71
CA PRO B 211 6.50 7.50 -23.24
C PRO B 211 5.18 6.95 -23.74
N LEU B 212 4.06 7.61 -23.44
CA LEU B 212 2.74 7.00 -23.68
C LEU B 212 2.56 6.55 -25.12
N PRO B 213 2.99 7.32 -26.12
CA PRO B 213 2.73 6.87 -27.50
C PRO B 213 3.53 5.64 -27.88
N TYR B 214 4.65 5.34 -27.21
CA TYR B 214 5.56 4.30 -27.67
C TYR B 214 5.51 3.06 -26.80
N ALA B 215 5.21 3.21 -25.52
CA ALA B 215 5.22 2.07 -24.63
C ALA B 215 3.89 1.34 -24.77
N HIS B 216 3.89 0.01 -24.57
CA HIS B 216 2.62 -0.68 -24.41
C HIS B 216 1.95 -0.30 -23.10
N VAL B 217 2.74 -0.19 -22.02
CA VAL B 217 2.20 0.12 -20.68
C VAL B 217 3.21 1.02 -19.97
N VAL B 218 2.71 1.96 -19.16
CA VAL B 218 3.57 2.88 -18.43
C VAL B 218 3.22 2.76 -16.96
N THR B 219 4.23 2.56 -16.11
CA THR B 219 4.01 2.57 -14.67
C THR B 219 4.65 3.78 -14.04
N SER B 220 4.22 4.08 -12.81
CA SER B 220 4.78 5.26 -12.16
C SER B 220 4.45 5.20 -10.68
N THR B 221 5.16 6.00 -9.93
CA THR B 221 4.68 6.45 -8.61
C THR B 221 3.93 7.76 -8.76
N THR B 222 3.15 8.11 -7.73
CA THR B 222 2.52 9.42 -7.71
C THR B 222 3.35 10.38 -6.86
N HIS B 223 4.30 9.86 -6.08
CA HIS B 223 5.21 10.70 -5.32
C HIS B 223 6.46 10.89 -6.25
N1 LLP B 224 10.43 2.08 -10.05
C2 LLP B 224 11.20 3.13 -10.15
C2' LLP B 224 11.87 3.47 -11.45
C3 LLP B 224 11.30 3.97 -8.99
O3 LLP B 224 12.07 5.09 -9.13
C4 LLP B 224 10.58 3.62 -7.79
C4' LLP B 224 10.55 4.61 -6.74
C5 LLP B 224 9.79 2.43 -7.86
C6 LLP B 224 9.78 1.67 -9.01
C5' LLP B 224 9.12 1.89 -6.63
OP4 LLP B 224 8.17 2.63 -5.98
P LLP B 224 7.78 2.34 -4.41
OP1 LLP B 224 6.64 3.34 -4.17
OP2 LLP B 224 7.42 0.84 -4.24
OP3 LLP B 224 8.99 2.75 -3.56
N LLP B 224 7.47 11.51 -5.75
CA LLP B 224 8.71 11.84 -6.48
CB LLP B 224 9.28 10.69 -7.37
CG LLP B 224 9.55 9.44 -6.51
CD LLP B 224 10.30 8.28 -7.24
CE LLP B 224 10.51 7.04 -6.27
NZ LLP B 224 10.71 5.86 -7.12
C LLP B 224 8.45 13.11 -7.30
O LLP B 224 7.95 14.09 -6.71
N THR B 225 8.87 13.25 -8.56
CA THR B 225 8.70 14.53 -9.23
C THR B 225 7.21 14.96 -9.46
N LEU B 226 6.27 14.02 -9.49
CA LEU B 226 4.87 14.41 -9.58
C LEU B 226 4.36 15.08 -8.30
N ARG B 227 5.06 14.92 -7.17
CA ARG B 227 4.81 15.67 -5.92
C ARG B 227 3.45 15.30 -5.35
N GLY B 228 3.05 14.04 -5.51
CA GLY B 228 1.78 13.56 -4.97
C GLY B 228 1.99 12.67 -3.75
N PRO B 229 0.88 12.08 -3.26
CA PRO B 229 0.96 11.16 -2.13
C PRO B 229 1.71 9.90 -2.55
N ARG B 230 2.20 9.16 -1.56
CA ARG B 230 2.97 7.95 -1.82
C ARG B 230 2.00 6.88 -2.37
N GLY B 231 2.26 6.38 -3.58
CA GLY B 231 1.37 5.38 -4.20
C GLY B 231 1.85 5.10 -5.60
N GLY B 232 1.12 4.22 -6.30
CA GLY B 232 1.42 3.90 -7.68
C GLY B 232 0.32 4.26 -8.68
N LEU B 233 0.63 4.02 -9.95
CA LEU B 233 -0.21 4.45 -11.06
C LEU B 233 0.16 3.61 -12.27
N ILE B 234 -0.84 3.25 -13.12
CA ILE B 234 -0.53 2.55 -14.37
C ILE B 234 -1.32 3.23 -15.49
N LEU B 235 -0.70 3.39 -16.65
CA LEU B 235 -1.34 4.07 -17.79
C LEU B 235 -1.10 3.25 -19.04
N SER B 236 -1.99 3.40 -20.03
CA SER B 236 -1.72 2.78 -21.32
C SER B 236 -2.50 3.51 -22.40
N ASN B 237 -2.02 3.43 -23.65
CA ASN B 237 -2.89 3.87 -24.74
C ASN B 237 -3.73 2.77 -25.33
N ASP B 238 -3.74 1.58 -24.72
CA ASP B 238 -4.51 0.44 -25.21
C ASP B 238 -5.49 0.02 -24.12
N PRO B 239 -6.75 0.43 -24.23
CA PRO B 239 -7.72 0.07 -23.19
C PRO B 239 -8.02 -1.44 -23.07
N GLU B 240 -7.76 -2.26 -24.08
CA GLU B 240 -7.91 -3.72 -23.92
C GLU B 240 -6.81 -4.33 -23.07
N LEU B 241 -5.57 -3.93 -23.26
CA LEU B 241 -4.53 -4.32 -22.34
C LEU B 241 -4.84 -3.76 -20.94
N GLY B 242 -5.34 -2.52 -20.86
CA GLY B 242 -5.71 -1.98 -19.54
C GLY B 242 -6.72 -2.85 -18.80
N LYS B 243 -7.67 -3.44 -19.53
CA LYS B 243 -8.63 -4.28 -18.81
C LYS B 243 -7.98 -5.53 -18.28
N ARG B 244 -6.97 -6.08 -18.97
CA ARG B 244 -6.25 -7.22 -18.42
C ARG B 244 -5.53 -6.83 -17.14
N ILE B 245 -4.90 -5.66 -17.15
CA ILE B 245 -4.08 -5.26 -16.00
C ILE B 245 -4.99 -4.92 -14.81
N ASP B 246 -6.18 -4.31 -15.08
CA ASP B 246 -7.13 -4.06 -14.00
C ASP B 246 -7.37 -5.34 -13.20
N LYS B 247 -7.57 -6.47 -13.91
CA LYS B 247 -7.82 -7.73 -13.18
C LYS B 247 -6.62 -8.19 -12.36
N LEU B 248 -5.39 -7.86 -12.79
CA LEU B 248 -4.25 -8.28 -11.96
C LEU B 248 -4.10 -7.40 -10.71
N ILE B 249 -4.46 -6.09 -10.79
CA ILE B 249 -4.46 -5.27 -9.57
C ILE B 249 -5.49 -5.82 -8.58
N PHE B 250 -6.71 -6.08 -9.07
CA PHE B 250 -7.74 -6.62 -8.23
C PHE B 250 -8.63 -7.50 -9.11
N PRO B 251 -8.86 -8.77 -8.75
CA PRO B 251 -8.50 -9.40 -7.48
C PRO B 251 -7.11 -10.05 -7.50
N GLY B 252 -6.28 -9.77 -8.49
CA GLY B 252 -4.99 -10.48 -8.62
C GLY B 252 -4.03 -10.28 -7.45
N ILE B 253 -3.61 -9.04 -7.16
CA ILE B 253 -2.52 -8.88 -6.18
C ILE B 253 -2.90 -7.98 -5.00
N GLN B 254 -3.95 -7.17 -5.08
CA GLN B 254 -4.35 -6.34 -3.95
C GLN B 254 -5.74 -6.74 -3.51
N GLY B 255 -6.13 -6.18 -2.37
CA GLY B 255 -7.49 -6.30 -1.87
C GLY B 255 -8.15 -4.92 -1.93
N GLY B 256 -8.58 -4.38 -0.78
CA GLY B 256 -9.24 -3.05 -0.81
C GLY B 256 -8.24 -1.96 -1.20
N PRO B 257 -8.59 -1.05 -2.10
CA PRO B 257 -7.67 0.07 -2.41
C PRO B 257 -7.67 1.10 -1.26
N LEU B 258 -6.65 1.95 -1.23
CA LEU B 258 -6.60 3.03 -0.23
C LEU B 258 -7.28 4.27 -0.82
N GLU B 259 -8.59 4.43 -0.57
CA GLU B 259 -9.32 5.48 -1.32
C GLU B 259 -8.98 6.86 -0.81
N HIS B 260 -8.59 6.97 0.47
CA HIS B 260 -8.07 8.26 0.92
C HIS B 260 -6.80 8.66 0.15
N VAL B 261 -5.93 7.68 -0.15
CA VAL B 261 -4.74 8.03 -0.95
C VAL B 261 -5.13 8.37 -2.37
N ILE B 262 -6.11 7.64 -2.92
CA ILE B 262 -6.60 7.93 -4.27
C ILE B 262 -7.16 9.34 -4.35
N ALA B 263 -7.90 9.77 -3.31
CA ALA B 263 -8.32 11.18 -3.27
C ALA B 263 -7.13 12.12 -3.30
N GLY B 264 -6.05 11.78 -2.57
CA GLY B 264 -4.83 12.57 -2.66
C GLY B 264 -4.20 12.56 -4.06
N LYS B 265 -4.29 11.43 -4.79
CA LYS B 265 -3.77 11.41 -6.15
C LYS B 265 -4.58 12.35 -7.04
N ALA B 266 -5.91 12.33 -6.88
CA ALA B 266 -6.71 13.28 -7.66
C ALA B 266 -6.26 14.72 -7.43
N VAL B 267 -5.99 15.06 -6.16
CA VAL B 267 -5.57 16.44 -5.82
C VAL B 267 -4.21 16.73 -6.49
N ALA B 268 -3.27 15.79 -6.39
CA ALA B 268 -1.96 15.98 -7.01
C ALA B 268 -2.06 16.13 -8.53
N PHE B 269 -2.98 15.40 -9.18
CA PHE B 269 -3.12 15.57 -10.61
C PHE B 269 -3.68 16.97 -10.92
N PHE B 270 -4.63 17.45 -10.09
CA PHE B 270 -5.14 18.79 -10.26
C PHE B 270 -4.01 19.82 -10.10
N GLU B 271 -3.13 19.63 -9.10
CA GLU B 271 -2.03 20.59 -8.96
C GLU B 271 -1.12 20.56 -10.18
N ALA B 272 -0.86 19.34 -10.76
CA ALA B 272 0.07 19.21 -11.88
C ALA B 272 -0.50 19.78 -13.17
N LEU B 273 -1.84 19.92 -13.24
CA LEU B 273 -2.51 20.49 -14.41
C LEU B 273 -2.42 22.02 -14.42
N GLN B 274 -1.99 22.64 -13.30
CA GLN B 274 -1.95 24.10 -13.19
C GLN B 274 -0.70 24.65 -13.85
N PRO B 275 -0.77 25.86 -14.41
CA PRO B 275 0.44 26.45 -14.99
C PRO B 275 1.59 26.54 -14.03
N GLU B 276 1.35 26.77 -12.75
CA GLU B 276 2.44 26.90 -11.80
C GLU B 276 3.27 25.63 -11.70
N PHE B 277 2.68 24.47 -11.96
CA PHE B 277 3.47 23.23 -11.90
C PHE B 277 4.52 23.17 -13.04
N LYS B 278 4.20 23.74 -14.22
CA LYS B 278 5.21 23.79 -15.28
C LYS B 278 6.40 24.67 -14.87
N GLU B 279 6.13 25.81 -14.23
CA GLU B 279 7.19 26.71 -13.77
C GLU B 279 8.05 26.04 -12.71
N TYR B 280 7.41 25.38 -11.73
CA TYR B 280 8.12 24.56 -10.76
C TYR B 280 9.04 23.56 -11.43
N SER B 281 8.49 22.81 -12.42
CA SER B 281 9.25 21.72 -13.01
C SER B 281 10.45 22.31 -13.78
N ARG B 282 10.24 23.44 -14.45
CA ARG B 282 11.34 24.09 -15.14
C ARG B 282 12.45 24.42 -14.14
N LEU B 283 12.10 24.96 -12.98
CA LEU B 283 13.13 25.31 -12.01
C LEU B 283 13.80 24.07 -11.45
N VAL B 284 13.08 22.94 -11.32
CA VAL B 284 13.73 21.72 -10.85
C VAL B 284 14.91 21.41 -11.74
N VAL B 285 14.68 21.43 -13.07
CA VAL B 285 15.76 21.03 -14.00
C VAL B 285 16.86 22.10 -14.06
N GLU B 286 16.48 23.39 -14.01
CA GLU B 286 17.51 24.43 -13.98
C GLU B 286 18.36 24.32 -12.73
N ASN B 287 17.74 24.04 -11.56
CA ASN B 287 18.54 23.92 -10.35
C ASN B 287 19.48 22.72 -10.44
N ALA B 288 19.00 21.61 -11.00
CA ALA B 288 19.89 20.44 -11.08
C ALA B 288 21.09 20.70 -11.99
N LYS B 289 20.83 21.24 -13.18
CA LYS B 289 21.94 21.59 -14.13
C LYS B 289 22.93 22.53 -13.46
N ARG B 290 22.40 23.57 -12.80
CA ARG B 290 23.29 24.56 -12.16
C ARG B 290 24.07 23.98 -11.00
N LEU B 291 23.44 23.16 -10.15
CA LEU B 291 24.18 22.57 -9.04
C LEU B 291 25.24 21.61 -9.54
N ALA B 292 24.93 20.85 -10.59
CA ALA B 292 25.97 19.95 -11.13
C ALA B 292 27.15 20.76 -11.67
N GLU B 293 26.87 21.87 -12.33
CA GLU B 293 27.94 22.69 -12.88
C GLU B 293 28.78 23.31 -11.78
N GLU B 294 28.12 23.77 -10.70
CA GLU B 294 28.87 24.37 -9.59
C GLU B 294 29.75 23.32 -8.91
N LEU B 295 29.25 22.08 -8.77
CA LEU B 295 30.10 21.02 -8.22
C LEU B 295 31.22 20.65 -9.19
N ALA B 296 30.95 20.62 -10.51
CA ALA B 296 32.06 20.27 -11.40
C ALA B 296 33.15 21.33 -11.34
N ARG B 297 32.78 22.60 -11.25
CA ARG B 297 33.78 23.67 -11.08
C ARG B 297 34.62 23.54 -9.82
N ARG B 298 34.16 22.82 -8.81
CA ARG B 298 34.95 22.54 -7.62
C ARG B 298 35.76 21.28 -7.76
N GLY B 299 35.74 20.68 -8.94
CA GLY B 299 36.53 19.50 -9.27
C GLY B 299 35.86 18.15 -9.07
N TYR B 300 34.55 18.12 -8.83
CA TYR B 300 33.87 16.83 -8.72
C TYR B 300 33.56 16.29 -10.12
N ARG B 301 33.58 14.95 -10.28
CA ARG B 301 33.23 14.33 -11.55
C ARG B 301 31.74 13.98 -11.56
N ILE B 302 31.04 14.54 -12.53
CA ILE B 302 29.60 14.31 -12.73
C ILE B 302 29.44 13.21 -13.79
N VAL B 303 28.82 12.09 -13.42
CA VAL B 303 28.57 11.00 -14.36
C VAL B 303 27.81 11.50 -15.58
N THR B 304 28.29 11.15 -16.78
CA THR B 304 27.83 11.63 -18.10
C THR B 304 28.12 13.11 -18.34
N GLY B 305 28.76 13.80 -17.39
CA GLY B 305 29.09 15.18 -17.62
C GLY B 305 27.99 16.17 -17.34
N GLY B 306 26.85 15.75 -16.81
CA GLY B 306 25.77 16.72 -16.64
C GLY B 306 24.48 15.93 -16.42
N THR B 307 23.36 16.58 -16.73
CA THR B 307 22.05 15.96 -16.56
C THR B 307 21.03 16.64 -17.44
N ASP B 308 20.01 15.86 -17.88
CA ASP B 308 18.89 16.39 -18.61
C ASP B 308 17.69 16.50 -17.68
N ASN B 309 17.80 16.02 -16.46
CA ASN B 309 16.55 15.92 -15.67
C ASN B 309 16.78 16.45 -14.25
N HIS B 310 16.12 15.87 -13.23
CA HIS B 310 16.13 16.39 -11.88
C HIS B 310 17.27 15.84 -11.03
N LEU B 311 18.08 14.88 -11.53
CA LEU B 311 19.08 14.26 -10.67
C LEU B 311 20.44 14.19 -11.37
N PHE B 312 21.48 13.94 -10.58
CA PHE B 312 22.80 13.69 -11.18
C PHE B 312 23.58 12.86 -10.20
N LEU B 313 24.68 12.24 -10.72
CA LEU B 313 25.52 11.38 -9.93
C LEU B 313 26.92 11.98 -9.91
N VAL B 314 27.51 11.89 -8.75
CA VAL B 314 28.88 12.33 -8.50
C VAL B 314 29.77 11.10 -8.25
N ASP B 315 30.87 11.03 -8.99
CA ASP B 315 31.83 9.92 -8.88
C ASP B 315 32.83 10.30 -7.79
N LEU B 316 32.82 9.61 -6.64
CA LEU B 316 33.69 10.09 -5.54
C LEU B 316 35.05 9.33 -5.50
N ARG B 317 35.33 8.49 -6.49
N ARG B 317 35.31 8.45 -6.47
CA ARG B 317 36.61 7.78 -6.54
CA ARG B 317 36.61 7.78 -6.58
C ARG B 317 37.81 8.72 -6.55
C ARG B 317 37.78 8.74 -6.52
N PRO B 318 37.85 9.79 -7.37
CA PRO B 318 39.01 10.72 -7.32
C PRO B 318 39.33 11.32 -5.96
N LYS B 319 38.36 11.55 -5.07
CA LYS B 319 38.60 12.22 -3.80
C LYS B 319 38.86 11.27 -2.64
N GLY B 320 38.88 9.97 -2.88
CA GLY B 320 39.13 9.02 -1.81
C GLY B 320 37.99 8.78 -0.85
N LEU B 321 36.74 8.98 -1.29
CA LEU B 321 35.58 8.78 -0.44
C LEU B 321 34.73 7.60 -0.92
N THR B 322 34.26 6.76 0.00
CA THR B 322 33.18 5.93 -0.48
C THR B 322 31.89 6.74 -0.43
N GLY B 323 30.88 6.23 -1.09
CA GLY B 323 29.60 6.90 -1.00
C GLY B 323 28.99 6.75 0.38
N LYS B 324 29.27 5.64 1.07
CA LYS B 324 28.83 5.55 2.46
C LYS B 324 29.43 6.68 3.29
N GLU B 325 30.69 7.03 3.02
CA GLU B 325 31.36 8.08 3.79
C GLU B 325 30.80 9.45 3.46
N ALA B 326 30.73 9.78 2.18
CA ALA B 326 30.14 11.05 1.81
C ALA B 326 28.72 11.19 2.35
N GLU B 327 27.92 10.10 2.30
CA GLU B 327 26.56 10.14 2.82
C GLU B 327 26.56 10.45 4.32
N GLU B 328 27.54 9.90 5.07
CA GLU B 328 27.60 10.12 6.51
C GLU B 328 28.06 11.53 6.84
N ARG B 329 29.09 12.02 6.14
CA ARG B 329 29.59 13.36 6.40
C ARG B 329 28.53 14.40 6.09
N LEU B 330 27.80 14.23 4.98
CA LEU B 330 26.73 15.17 4.65
C LEU B 330 25.59 15.08 5.65
N ASP B 331 25.16 13.85 6.05
CA ASP B 331 24.05 13.72 6.99
C ASP B 331 24.38 14.42 8.29
N ALA B 332 25.66 14.41 8.66
CA ALA B 332 26.10 14.98 9.92
C ALA B 332 25.89 16.48 9.98
N VAL B 333 25.84 17.17 8.83
CA VAL B 333 25.59 18.61 8.82
C VAL B 333 24.20 18.93 8.29
N GLY B 334 23.34 17.92 8.16
CA GLY B 334 21.94 18.15 7.80
C GLY B 334 21.70 18.15 6.32
N ILE B 335 22.63 17.63 5.52
CA ILE B 335 22.43 17.55 4.08
C ILE B 335 22.19 16.08 3.74
N THR B 336 21.01 15.74 3.25
CA THR B 336 20.71 14.32 3.03
C THR B 336 20.85 13.98 1.57
N VAL B 337 21.72 13.02 1.28
CA VAL B 337 21.83 12.44 -0.06
C VAL B 337 21.70 10.91 0.09
N ASN B 338 21.95 10.13 -0.96
CA ASN B 338 22.09 8.71 -0.71
C ASN B 338 23.30 8.24 -1.47
N LYS B 339 24.04 7.28 -0.88
CA LYS B 339 25.10 6.67 -1.67
C LYS B 339 24.42 5.97 -2.84
N ASN B 340 25.17 5.85 -3.92
CA ASN B 340 24.67 5.29 -5.15
C ASN B 340 25.85 4.72 -5.95
N ALA B 341 25.67 3.47 -6.40
CA ALA B 341 26.65 2.89 -7.29
C ALA B 341 26.76 3.74 -8.55
N ILE B 342 27.99 3.91 -9.02
CA ILE B 342 28.27 4.60 -10.29
C ILE B 342 28.53 3.56 -11.39
N PRO B 343 28.61 3.92 -12.68
CA PRO B 343 28.79 2.89 -13.71
C PRO B 343 30.12 2.16 -13.55
N PHE B 344 30.06 0.82 -13.48
CA PHE B 344 31.29 0.01 -13.36
C PHE B 344 31.97 0.27 -12.01
N ASP B 345 31.16 0.25 -10.95
CA ASP B 345 31.59 0.65 -9.61
C ASP B 345 32.58 -0.37 -9.03
N PRO B 346 33.81 0.04 -8.70
CA PRO B 346 34.73 -0.84 -7.94
C PRO B 346 34.25 -1.36 -6.58
N LYS B 347 33.16 -0.86 -5.99
CA LYS B 347 32.89 -1.25 -4.59
C LYS B 347 31.51 -1.86 -4.44
N PRO B 348 31.31 -2.70 -3.42
CA PRO B 348 30.04 -3.41 -3.27
C PRO B 348 28.88 -2.45 -3.02
N PRO B 349 27.66 -2.89 -3.32
CA PRO B 349 26.48 -2.01 -3.19
C PRO B 349 26.17 -1.52 -1.79
N ARG B 350 26.74 -2.09 -0.74
CA ARG B 350 26.49 -1.54 0.58
C ARG B 350 27.45 -0.42 0.92
N VAL B 351 28.50 -0.27 0.12
CA VAL B 351 29.50 0.79 0.27
C VAL B 351 29.40 1.81 -0.87
N THR B 352 29.48 1.35 -2.14
CA THR B 352 29.49 2.15 -3.37
C THR B 352 30.57 3.21 -3.41
N SER B 353 30.75 3.83 -4.59
CA SER B 353 31.75 4.86 -4.92
C SER B 353 31.16 6.25 -5.28
N GLY B 354 29.85 6.46 -5.16
CA GLY B 354 29.26 7.72 -5.60
C GLY B 354 28.14 8.16 -4.70
N ILE B 355 27.60 9.34 -5.02
CA ILE B 355 26.37 9.82 -4.43
C ILE B 355 25.43 10.34 -5.52
N ARG B 356 24.16 10.27 -5.24
CA ARG B 356 23.12 10.81 -6.10
C ARG B 356 22.50 12.02 -5.40
N ILE B 357 22.28 13.09 -6.17
CA ILE B 357 21.69 14.34 -5.69
C ILE B 357 20.51 14.66 -6.61
N GLY B 358 19.40 15.12 -6.05
CA GLY B 358 18.36 15.64 -6.92
C GLY B 358 17.76 16.89 -6.28
N THR B 359 17.13 17.72 -7.12
CA THR B 359 16.60 18.99 -6.65
C THR B 359 15.07 19.12 -6.50
N PRO B 360 14.20 18.10 -6.75
CA PRO B 360 12.75 18.39 -6.59
C PRO B 360 12.39 18.94 -5.21
N ALA B 361 12.98 18.40 -4.14
CA ALA B 361 12.51 18.78 -2.80
C ALA B 361 12.94 20.22 -2.46
N ILE B 362 14.19 20.57 -2.72
CA ILE B 362 14.59 21.97 -2.38
C ILE B 362 13.94 22.97 -3.33
N THR B 363 13.60 22.56 -4.59
CA THR B 363 12.90 23.48 -5.47
C THR B 363 11.49 23.75 -4.96
N THR B 364 10.84 22.74 -4.36
CA THR B 364 9.52 22.98 -3.79
C THR B 364 9.60 24.01 -2.66
N ARG B 365 10.72 24.06 -1.94
CA ARG B 365 10.95 25.03 -0.87
C ARG B 365 11.42 26.40 -1.41
N GLY B 366 11.41 26.62 -2.71
CA GLY B 366 11.70 27.93 -3.25
C GLY B 366 13.18 28.23 -3.52
N PHE B 367 14.06 27.23 -3.52
CA PHE B 367 15.48 27.47 -3.88
C PHE B 367 15.55 27.78 -5.38
N THR B 368 16.40 28.75 -5.73
CA THR B 368 16.54 29.23 -7.11
C THR B 368 17.94 28.90 -7.62
N PRO B 369 18.16 28.95 -8.94
CA PRO B 369 19.49 28.62 -9.49
C PRO B 369 20.61 29.51 -8.94
N GLU B 370 20.28 30.77 -8.60
CA GLU B 370 21.33 31.64 -8.03
C GLU B 370 21.76 31.21 -6.63
N GLU B 371 20.95 30.39 -5.93
CA GLU B 371 21.37 29.85 -4.64
C GLU B 371 22.22 28.59 -4.74
N MET B 372 22.31 27.98 -5.94
CA MET B 372 23.06 26.71 -5.99
C MET B 372 24.56 26.86 -5.73
N PRO B 373 25.21 27.99 -6.06
CA PRO B 373 26.62 28.14 -5.62
C PRO B 373 26.81 28.01 -4.12
N LEU B 374 25.84 28.48 -3.33
CA LEU B 374 25.96 28.39 -1.88
C LEU B 374 25.76 26.95 -1.45
N VAL B 375 24.78 26.27 -2.05
CA VAL B 375 24.61 24.83 -1.71
C VAL B 375 25.88 24.05 -2.09
N ALA B 376 26.46 24.35 -3.24
CA ALA B 376 27.66 23.61 -3.67
C ALA B 376 28.81 23.83 -2.70
N GLU B 377 28.94 25.06 -2.19
CA GLU B 377 29.98 25.36 -1.21
C GLU B 377 29.83 24.52 0.05
N LEU B 378 28.60 24.44 0.57
CA LEU B 378 28.35 23.66 1.77
C LEU B 378 28.64 22.19 1.54
N ILE B 379 28.23 21.64 0.39
CA ILE B 379 28.53 20.24 0.15
C ILE B 379 30.05 20.01 0.13
N ASP B 380 30.75 20.83 -0.64
CA ASP B 380 32.21 20.71 -0.78
C ASP B 380 32.91 20.74 0.57
N ARG B 381 32.54 21.72 1.42
CA ARG B 381 33.17 21.82 2.74
C ARG B 381 32.89 20.61 3.59
N ALA B 382 31.64 20.13 3.63
CA ALA B 382 31.34 18.93 4.40
C ALA B 382 32.21 17.76 3.93
N LEU B 383 32.47 17.66 2.63
CA LEU B 383 33.26 16.54 2.13
C LEU B 383 34.77 16.71 2.39
N LEU B 384 35.31 17.92 2.27
CA LEU B 384 36.75 18.13 2.44
C LEU B 384 37.15 18.31 3.90
N GLU B 385 36.33 19.00 4.69
CA GLU B 385 36.65 19.40 6.06
C GLU B 385 35.93 18.55 7.10
N GLY B 386 34.98 17.72 6.68
CA GLY B 386 34.23 16.93 7.62
C GLY B 386 33.26 17.80 8.39
N PRO B 387 32.36 17.13 9.09
CA PRO B 387 31.30 17.85 9.82
C PRO B 387 31.87 18.75 10.91
N SER B 388 31.09 19.78 11.24
CA SER B 388 31.41 20.73 12.31
C SER B 388 30.15 21.47 12.68
N GLU B 389 30.16 22.03 13.88
CA GLU B 389 28.96 22.69 14.36
C GLU B 389 28.70 23.98 13.58
N ALA B 390 29.77 24.71 13.21
CA ALA B 390 29.57 25.93 12.42
C ALA B 390 28.94 25.60 11.07
N LEU B 391 29.36 24.48 10.47
CA LEU B 391 28.81 24.11 9.16
C LEU B 391 27.36 23.68 9.31
N ARG B 392 27.05 22.85 10.31
CA ARG B 392 25.66 22.48 10.60
C ARG B 392 24.80 23.73 10.79
N GLU B 393 25.31 24.74 11.48
CA GLU B 393 24.50 25.93 11.67
C GLU B 393 24.31 26.69 10.38
N GLU B 394 25.31 26.73 9.50
CA GLU B 394 25.10 27.42 8.24
C GLU B 394 24.03 26.73 7.40
N VAL B 395 24.05 25.39 7.37
CA VAL B 395 23.02 24.64 6.64
C VAL B 395 21.65 24.97 7.21
N ARG B 396 21.54 24.95 8.55
CA ARG B 396 20.26 25.19 9.22
C ARG B 396 19.71 26.56 8.90
N ARG B 397 20.58 27.59 8.93
CA ARG B 397 20.12 28.94 8.58
C ARG B 397 19.60 29.01 7.16
N LEU B 398 20.34 28.38 6.23
CA LEU B 398 19.88 28.44 4.85
C LEU B 398 18.56 27.70 4.69
N ALA B 399 18.42 26.54 5.32
CA ALA B 399 17.16 25.80 5.16
C ALA B 399 15.99 26.60 5.73
N LEU B 400 16.17 27.16 6.93
CA LEU B 400 15.07 27.85 7.60
C LEU B 400 14.64 29.10 6.87
N ALA B 401 15.50 29.66 6.01
CA ALA B 401 15.09 30.82 5.25
C ALA B 401 14.13 30.48 4.13
N HIS B 402 13.86 29.19 3.88
CA HIS B 402 12.97 28.79 2.82
C HIS B 402 11.73 28.09 3.41
N PRO B 403 10.54 28.51 3.07
CA PRO B 403 9.34 27.89 3.68
C PRO B 403 9.18 26.42 3.28
N MET B 404 8.43 25.71 4.05
CA MET B 404 7.89 24.37 3.76
C MET B 404 6.44 24.54 3.36
N PRO B 405 5.89 23.71 2.46
CA PRO B 405 4.46 23.81 2.09
C PRO B 405 3.43 23.50 3.23
N DSN C . -12.90 -8.14 4.96
CA DSN C . -13.24 -8.69 3.73
C DSN C . -14.55 -9.14 4.01
O DSN C . -15.22 -8.30 4.38
OXT DSN C . -14.88 -10.29 3.81
CB DSN C . -13.41 -7.70 2.61
OG DSN C . -14.46 -8.12 1.74
S SO4 D . 14.44 5.37 -5.30
O1 SO4 D . 14.50 6.14 -6.46
O2 SO4 D . 15.06 6.30 -4.38
O3 SO4 D . 15.21 4.12 -5.51
O4 SO4 D . 13.05 4.96 -4.96
#